data_3G9Y
# 
_entry.id   3G9Y 
# 
_audit_conform.dict_name       mmcif_pdbx.dic 
_audit_conform.dict_version    5.388 
_audit_conform.dict_location   http://mmcif.pdb.org/dictionaries/ascii/mmcif_pdbx.dic 
# 
loop_
_database_2.database_id 
_database_2.database_code 
_database_2.pdbx_database_accession 
_database_2.pdbx_DOI 
PDB   3G9Y         pdb_00003g9y 10.2210/pdb3g9y/pdb 
NDB   PR0367       ?            ?                   
RCSB  RCSB051608   ?            ?                   
WWPDB D_1000051608 ?            ?                   
# 
loop_
_pdbx_audit_revision_history.ordinal 
_pdbx_audit_revision_history.data_content_type 
_pdbx_audit_revision_history.major_revision 
_pdbx_audit_revision_history.minor_revision 
_pdbx_audit_revision_history.revision_date 
1 'Structure model' 1 0 2009-03-03 
2 'Structure model' 1 1 2011-07-13 
3 'Structure model' 1 2 2017-11-01 
4 'Structure model' 1 3 2024-03-20 
# 
_pdbx_audit_revision_details.ordinal             1 
_pdbx_audit_revision_details.revision_ordinal    1 
_pdbx_audit_revision_details.data_content_type   'Structure model' 
_pdbx_audit_revision_details.provider            repository 
_pdbx_audit_revision_details.type                'Initial release' 
_pdbx_audit_revision_details.description         ? 
_pdbx_audit_revision_details.details             ? 
# 
loop_
_pdbx_audit_revision_group.ordinal 
_pdbx_audit_revision_group.revision_ordinal 
_pdbx_audit_revision_group.data_content_type 
_pdbx_audit_revision_group.group 
1 2 'Structure model' Advisory                    
2 2 'Structure model' 'Version format compliance' 
3 3 'Structure model' 'Refinement description'    
4 4 'Structure model' 'Data collection'           
5 4 'Structure model' 'Database references'       
6 4 'Structure model' 'Derived calculations'      
# 
loop_
_pdbx_audit_revision_category.ordinal 
_pdbx_audit_revision_category.revision_ordinal 
_pdbx_audit_revision_category.data_content_type 
_pdbx_audit_revision_category.category 
1 3 'Structure model' software                     
2 4 'Structure model' chem_comp_atom               
3 4 'Structure model' chem_comp_bond               
4 4 'Structure model' database_2                   
5 4 'Structure model' pdbx_struct_special_symmetry 
6 4 'Structure model' struct_conn                  
7 4 'Structure model' struct_ref_seq_dif           
8 4 'Structure model' struct_site                  
# 
loop_
_pdbx_audit_revision_item.ordinal 
_pdbx_audit_revision_item.revision_ordinal 
_pdbx_audit_revision_item.data_content_type 
_pdbx_audit_revision_item.item 
1  4 'Structure model' '_database_2.pdbx_DOI'                
2  4 'Structure model' '_database_2.pdbx_database_accession' 
3  4 'Structure model' '_struct_conn.ptnr1_auth_comp_id'     
4  4 'Structure model' '_struct_conn.ptnr1_auth_seq_id'      
5  4 'Structure model' '_struct_conn.ptnr1_label_asym_id'    
6  4 'Structure model' '_struct_conn.ptnr1_label_atom_id'    
7  4 'Structure model' '_struct_conn.ptnr1_label_comp_id'    
8  4 'Structure model' '_struct_conn.ptnr1_label_seq_id'     
9  4 'Structure model' '_struct_conn.ptnr2_auth_comp_id'     
10 4 'Structure model' '_struct_conn.ptnr2_auth_seq_id'      
11 4 'Structure model' '_struct_conn.ptnr2_label_asym_id'    
12 4 'Structure model' '_struct_conn.ptnr2_label_atom_id'    
13 4 'Structure model' '_struct_conn.ptnr2_label_comp_id'    
14 4 'Structure model' '_struct_conn.ptnr2_label_seq_id'     
15 4 'Structure model' '_struct_ref_seq_dif.details'         
16 4 'Structure model' '_struct_site.pdbx_auth_asym_id'      
17 4 'Structure model' '_struct_site.pdbx_auth_comp_id'      
18 4 'Structure model' '_struct_site.pdbx_auth_seq_id'       
# 
_pdbx_database_status.entry_id                        3G9Y 
_pdbx_database_status.deposit_site                    RCSB 
_pdbx_database_status.process_site                    PDBJ 
_pdbx_database_status.recvd_initial_deposition_date   2009-02-15 
_pdbx_database_status.status_code                     REL 
_pdbx_database_status.status_code_sf                  REL 
_pdbx_database_status.status_code_mr                  ? 
_pdbx_database_status.SG_entry                        . 
_pdbx_database_status.pdb_format_compatible           Y 
_pdbx_database_status.status_code_cs                  ? 
_pdbx_database_status.methods_development_category    ? 
_pdbx_database_status.status_code_nmr_data            ? 
# 
_pdbx_database_related.db_name        PDB 
_pdbx_database_related.db_id          2k1p 
_pdbx_database_related.details        'Solution structure of the second zinc finger domain of ZRANB2/ZNF265' 
_pdbx_database_related.content_type   unspecified 
# 
loop_
_audit_author.name 
_audit_author.pdbx_ordinal 
'Loughlin, F.E.' 1 
'McGrath, A.P.'  2 
'Lee, M.'        3 
'Guss, J.M.'     4 
'Mackay, J.P.'   5 
# 
loop_
_citation.id 
_citation.title 
_citation.journal_abbrev 
_citation.journal_volume 
_citation.page_first 
_citation.page_last 
_citation.year 
_citation.journal_id_ASTM 
_citation.country 
_citation.journal_id_ISSN 
_citation.journal_id_CSD 
_citation.book_publisher 
_citation.pdbx_database_id_PubMed 
_citation.pdbx_database_id_DOI 
primary 
;The zinc fingers of the SR-like protein ZRANB2 are single-stranded RNA-binding domains that recognize 5' splice site-like sequences
;
Proc.Natl.Acad.Sci.USA     106 5581 5586 2009 PNASA6 US 0027-8424 0040 ? 19304800 10.1073/pnas.0802466106   
1       'Crystallization of a ZRANB2-RNA complex' 'Acta Crystallogr.,Sect.F' 64  1175 1177 2008 ?      DK 1744-3091 ?    ? 
19052380 10.1107/S1744309108036993 
# 
loop_
_citation_author.citation_id 
_citation_author.name 
_citation_author.ordinal 
_citation_author.identifier_ORCID 
primary 'Loughlin, F.E.'  1  ? 
primary 'Mansfield, R.E.' 2  ? 
primary 'Vaz, P.M.'       3  ? 
primary 'McGrath, A.P.'   4  ? 
primary 'Setiyaputra, S.' 5  ? 
primary 'Gamsjaeger, R.'  6  ? 
primary 'Chen, E.S.'      7  ? 
primary 'Morris, B.J.'    8  ? 
primary 'Guss, J.M.'      9  ? 
primary 'Mackay, J.P.'    10 ? 
1       'Loughlin, F.E.'  11 ? 
1       'Lee, M.'         12 ? 
1       'Guss, J.M.'      13 ? 
1       'Mackay, J.P.'    14 ? 
# 
loop_
_entity.id 
_entity.type 
_entity.src_method 
_entity.pdbx_description 
_entity.formula_weight 
_entity.pdbx_number_of_molecules 
_entity.pdbx_ec 
_entity.pdbx_mutation 
_entity.pdbx_fragment 
_entity.details 
1 polymer     man 'Zinc finger Ran-binding domain-containing protein 2' 3759.196 1  ? ? 'Zinc finger domain' ? 
2 polymer     syn 
;RNA (5'-R(*AP*GP*GP*UP*AP*A)-3')
;
1939.237 1  ? ? ?                    ? 
3 non-polymer syn 'ZINC ION'                                            65.409   1  ? ? ?                    ? 
4 water       nat water                                                 18.015   31 ? ? ?                    ? 
# 
_entity_name_com.entity_id   1 
_entity_name_com.name        'Zinc finger protein 265, Zinc finger, splicing' 
# 
loop_
_entity_poly.entity_id 
_entity_poly.type 
_entity_poly.nstd_linkage 
_entity_poly.nstd_monomer 
_entity_poly.pdbx_seq_one_letter_code 
_entity_poly.pdbx_seq_one_letter_code_can 
_entity_poly.pdbx_strand_id 
_entity_poly.pdbx_target_identifier 
1 'polypeptide(L)'   no no GSSANDWQCKTCSNVNWARRSECNMCNTPKYAK GSSANDWQCKTCSNVNWARRSECNMCNTPKYAK A ? 
2 polyribonucleotide no no AGGUAA                            AGGUAA                            C ? 
# 
loop_
_pdbx_entity_nonpoly.entity_id 
_pdbx_entity_nonpoly.name 
_pdbx_entity_nonpoly.comp_id 
3 'ZINC ION' ZN  
4 water      HOH 
# 
loop_
_entity_poly_seq.entity_id 
_entity_poly_seq.num 
_entity_poly_seq.mon_id 
_entity_poly_seq.hetero 
1 1  GLY n 
1 2  SER n 
1 3  SER n 
1 4  ALA n 
1 5  ASN n 
1 6  ASP n 
1 7  TRP n 
1 8  GLN n 
1 9  CYS n 
1 10 LYS n 
1 11 THR n 
1 12 CYS n 
1 13 SER n 
1 14 ASN n 
1 15 VAL n 
1 16 ASN n 
1 17 TRP n 
1 18 ALA n 
1 19 ARG n 
1 20 ARG n 
1 21 SER n 
1 22 GLU n 
1 23 CYS n 
1 24 ASN n 
1 25 MET n 
1 26 CYS n 
1 27 ASN n 
1 28 THR n 
1 29 PRO n 
1 30 LYS n 
1 31 TYR n 
1 32 ALA n 
1 33 LYS n 
2 1  A   n 
2 2  G   n 
2 3  G   n 
2 4  U   n 
2 5  A   n 
2 6  A   n 
# 
_entity_src_gen.entity_id                          1 
_entity_src_gen.pdbx_src_id                        1 
_entity_src_gen.pdbx_alt_source_flag               sample 
_entity_src_gen.pdbx_seq_type                      ? 
_entity_src_gen.pdbx_beg_seq_num                   ? 
_entity_src_gen.pdbx_end_seq_num                   ? 
_entity_src_gen.gene_src_common_name               human 
_entity_src_gen.gene_src_genus                     ? 
_entity_src_gen.pdbx_gene_src_gene                 ZRANB2 
_entity_src_gen.gene_src_species                   ? 
_entity_src_gen.gene_src_strain                    ? 
_entity_src_gen.gene_src_tissue                    ? 
_entity_src_gen.gene_src_tissue_fraction           ? 
_entity_src_gen.gene_src_details                   ? 
_entity_src_gen.pdbx_gene_src_fragment             ? 
_entity_src_gen.pdbx_gene_src_scientific_name      'Homo sapiens' 
_entity_src_gen.pdbx_gene_src_ncbi_taxonomy_id     9606 
_entity_src_gen.pdbx_gene_src_variant              ? 
_entity_src_gen.pdbx_gene_src_cell_line            ? 
_entity_src_gen.pdbx_gene_src_atcc                 ? 
_entity_src_gen.pdbx_gene_src_organ                ? 
_entity_src_gen.pdbx_gene_src_organelle            ? 
_entity_src_gen.pdbx_gene_src_cell                 ? 
_entity_src_gen.pdbx_gene_src_cellular_location    ? 
_entity_src_gen.host_org_common_name               ? 
_entity_src_gen.pdbx_host_org_scientific_name      'Escherichia coli' 
_entity_src_gen.pdbx_host_org_ncbi_taxonomy_id     562 
_entity_src_gen.host_org_genus                     ? 
_entity_src_gen.pdbx_host_org_gene                 ? 
_entity_src_gen.pdbx_host_org_organ                ? 
_entity_src_gen.host_org_species                   ? 
_entity_src_gen.pdbx_host_org_tissue               ? 
_entity_src_gen.pdbx_host_org_tissue_fraction      ? 
_entity_src_gen.pdbx_host_org_strain               'BL21 Rosetta2' 
_entity_src_gen.pdbx_host_org_variant              ? 
_entity_src_gen.pdbx_host_org_cell_line            ? 
_entity_src_gen.pdbx_host_org_atcc                 ? 
_entity_src_gen.pdbx_host_org_culture_collection   ? 
_entity_src_gen.pdbx_host_org_cell                 ? 
_entity_src_gen.pdbx_host_org_organelle            ? 
_entity_src_gen.pdbx_host_org_cellular_location    ? 
_entity_src_gen.pdbx_host_org_vector_type          PLASMID 
_entity_src_gen.pdbx_host_org_vector               ? 
_entity_src_gen.host_org_details                   ? 
_entity_src_gen.expression_system_id               ? 
_entity_src_gen.plasmid_name                       pGEX-2T 
_entity_src_gen.plasmid_details                    ? 
_entity_src_gen.pdbx_description                   ? 
# 
_pdbx_entity_src_syn.entity_id              2 
_pdbx_entity_src_syn.pdbx_src_id            1 
_pdbx_entity_src_syn.pdbx_alt_source_flag   sample 
_pdbx_entity_src_syn.pdbx_beg_seq_num       ? 
_pdbx_entity_src_syn.pdbx_end_seq_num       ? 
_pdbx_entity_src_syn.organism_scientific    ? 
_pdbx_entity_src_syn.organism_common_name   ? 
_pdbx_entity_src_syn.ncbi_taxonomy_id       ? 
_pdbx_entity_src_syn.details                'Chemically synthesized 6 nt ssRNA' 
# 
loop_
_chem_comp.id 
_chem_comp.type 
_chem_comp.mon_nstd_flag 
_chem_comp.name 
_chem_comp.pdbx_synonyms 
_chem_comp.formula 
_chem_comp.formula_weight 
A   'RNA linking'       y "ADENOSINE-5'-MONOPHOSPHATE" ? 'C10 H14 N5 O7 P' 347.221 
ALA 'L-peptide linking' y ALANINE                      ? 'C3 H7 N O2'      89.093  
ARG 'L-peptide linking' y ARGININE                     ? 'C6 H15 N4 O2 1'  175.209 
ASN 'L-peptide linking' y ASPARAGINE                   ? 'C4 H8 N2 O3'     132.118 
ASP 'L-peptide linking' y 'ASPARTIC ACID'              ? 'C4 H7 N O4'      133.103 
CYS 'L-peptide linking' y CYSTEINE                     ? 'C3 H7 N O2 S'    121.158 
G   'RNA linking'       y "GUANOSINE-5'-MONOPHOSPHATE" ? 'C10 H14 N5 O8 P' 363.221 
GLN 'L-peptide linking' y GLUTAMINE                    ? 'C5 H10 N2 O3'    146.144 
GLU 'L-peptide linking' y 'GLUTAMIC ACID'              ? 'C5 H9 N O4'      147.129 
GLY 'peptide linking'   y GLYCINE                      ? 'C2 H5 N O2'      75.067  
HOH non-polymer         . WATER                        ? 'H2 O'            18.015  
LYS 'L-peptide linking' y LYSINE                       ? 'C6 H15 N2 O2 1'  147.195 
MET 'L-peptide linking' y METHIONINE                   ? 'C5 H11 N O2 S'   149.211 
PRO 'L-peptide linking' y PROLINE                      ? 'C5 H9 N O2'      115.130 
SER 'L-peptide linking' y SERINE                       ? 'C3 H7 N O3'      105.093 
THR 'L-peptide linking' y THREONINE                    ? 'C4 H9 N O3'      119.119 
TRP 'L-peptide linking' y TRYPTOPHAN                   ? 'C11 H12 N2 O2'   204.225 
TYR 'L-peptide linking' y TYROSINE                     ? 'C9 H11 N O3'     181.189 
U   'RNA linking'       y "URIDINE-5'-MONOPHOSPHATE"   ? 'C9 H13 N2 O9 P'  324.181 
VAL 'L-peptide linking' y VALINE                       ? 'C5 H11 N O2'     117.146 
ZN  non-polymer         . 'ZINC ION'                   ? 'Zn 2'            65.409  
# 
loop_
_pdbx_poly_seq_scheme.asym_id 
_pdbx_poly_seq_scheme.entity_id 
_pdbx_poly_seq_scheme.seq_id 
_pdbx_poly_seq_scheme.mon_id 
_pdbx_poly_seq_scheme.ndb_seq_num 
_pdbx_poly_seq_scheme.pdb_seq_num 
_pdbx_poly_seq_scheme.auth_seq_num 
_pdbx_poly_seq_scheme.pdb_mon_id 
_pdbx_poly_seq_scheme.auth_mon_id 
_pdbx_poly_seq_scheme.pdb_strand_id 
_pdbx_poly_seq_scheme.pdb_ins_code 
_pdbx_poly_seq_scheme.hetero 
A 1 1  GLY 1  63 ?  ?   ?   A . n 
A 1 2  SER 2  64 ?  ?   ?   A . n 
A 1 3  SER 3  65 ?  ?   ?   A . n 
A 1 4  ALA 4  66 ?  ?   ?   A . n 
A 1 5  ASN 5  67 67 ASN ASN A . n 
A 1 6  ASP 6  68 68 ASP ASP A . n 
A 1 7  TRP 7  69 69 TRP TRP A . n 
A 1 8  GLN 8  70 70 GLN GLN A . n 
A 1 9  CYS 9  71 71 CYS CYS A . n 
A 1 10 LYS 10 72 72 LYS LYS A . n 
A 1 11 THR 11 73 73 THR THR A . n 
A 1 12 CYS 12 74 74 CYS CYS A . n 
A 1 13 SER 13 75 75 SER SER A . n 
A 1 14 ASN 14 76 76 ASN ASN A . n 
A 1 15 VAL 15 77 77 VAL VAL A . n 
A 1 16 ASN 16 78 78 ASN ASN A . n 
A 1 17 TRP 17 79 79 TRP TRP A . n 
A 1 18 ALA 18 80 80 ALA ALA A . n 
A 1 19 ARG 19 81 81 ARG ARG A . n 
A 1 20 ARG 20 82 82 ARG ARG A . n 
A 1 21 SER 21 83 83 SER SER A . n 
A 1 22 GLU 22 84 84 GLU GLU A . n 
A 1 23 CYS 23 85 85 CYS CYS A . n 
A 1 24 ASN 24 86 86 ASN ASN A . n 
A 1 25 MET 25 87 87 MET MET A . n 
A 1 26 CYS 26 88 88 CYS CYS A . n 
A 1 27 ASN 27 89 89 ASN ASN A . n 
A 1 28 THR 28 90 90 THR THR A . n 
A 1 29 PRO 29 91 91 PRO PRO A . n 
A 1 30 LYS 30 92 92 LYS LYS A . n 
A 1 31 TYR 31 93 93 TYR TYR A . n 
A 1 32 ALA 32 94 94 ALA ALA A . n 
A 1 33 LYS 33 95 95 LYS LYS A . n 
B 2 1  A   1  1  1  A   A   C . n 
B 2 2  G   2  2  2  G   G   C . n 
B 2 3  G   3  3  3  G   G   C . n 
B 2 4  U   4  4  4  U   U   C . n 
B 2 5  A   5  5  5  A   A   C . n 
B 2 6  A   6  6  6  A   A   C . n 
# 
loop_
_pdbx_nonpoly_scheme.asym_id 
_pdbx_nonpoly_scheme.entity_id 
_pdbx_nonpoly_scheme.mon_id 
_pdbx_nonpoly_scheme.ndb_seq_num 
_pdbx_nonpoly_scheme.pdb_seq_num 
_pdbx_nonpoly_scheme.auth_seq_num 
_pdbx_nonpoly_scheme.pdb_mon_id 
_pdbx_nonpoly_scheme.auth_mon_id 
_pdbx_nonpoly_scheme.pdb_strand_id 
_pdbx_nonpoly_scheme.pdb_ins_code 
C 3 ZN  1  1  1  ZN  ZN  A . 
D 4 HOH 1  2  2  HOH HOH A . 
D 4 HOH 2  3  3  HOH HOH A . 
D 4 HOH 3  4  4  HOH HOH A . 
D 4 HOH 4  6  6  HOH HOH A . 
D 4 HOH 5  7  7  HOH HOH A . 
D 4 HOH 6  9  9  HOH HOH A . 
D 4 HOH 7  10 10 HOH HOH A . 
D 4 HOH 8  11 11 HOH HOH A . 
D 4 HOH 9  12 12 HOH HOH A . 
D 4 HOH 10 13 13 HOH HOH A . 
D 4 HOH 11 14 14 HOH HOH A . 
D 4 HOH 12 15 15 HOH HOH A . 
D 4 HOH 13 17 17 HOH HOH A . 
D 4 HOH 14 18 18 HOH HOH A . 
D 4 HOH 15 19 19 HOH HOH A . 
D 4 HOH 16 21 21 HOH HOH A . 
D 4 HOH 17 22 22 HOH HOH A . 
D 4 HOH 18 23 23 HOH HOH A . 
D 4 HOH 19 25 25 HOH HOH A . 
D 4 HOH 20 26 26 HOH HOH A . 
D 4 HOH 21 27 27 HOH HOH A . 
D 4 HOH 22 28 28 HOH HOH A . 
D 4 HOH 23 29 29 HOH HOH A . 
D 4 HOH 24 30 30 HOH HOH A . 
D 4 HOH 25 96 1  HOH HOH A . 
E 4 HOH 1  7  5  HOH HOH C . 
E 4 HOH 2  8  8  HOH HOH C . 
E 4 HOH 3  16 16 HOH HOH C . 
E 4 HOH 4  20 20 HOH HOH C . 
E 4 HOH 5  24 24 HOH HOH C . 
E 4 HOH 6  31 31 HOH HOH C . 
# 
loop_
_pdbx_unobs_or_zero_occ_atoms.id 
_pdbx_unobs_or_zero_occ_atoms.PDB_model_num 
_pdbx_unobs_or_zero_occ_atoms.polymer_flag 
_pdbx_unobs_or_zero_occ_atoms.occupancy_flag 
_pdbx_unobs_or_zero_occ_atoms.auth_asym_id 
_pdbx_unobs_or_zero_occ_atoms.auth_comp_id 
_pdbx_unobs_or_zero_occ_atoms.auth_seq_id 
_pdbx_unobs_or_zero_occ_atoms.PDB_ins_code 
_pdbx_unobs_or_zero_occ_atoms.auth_atom_id 
_pdbx_unobs_or_zero_occ_atoms.label_alt_id 
_pdbx_unobs_or_zero_occ_atoms.label_asym_id 
_pdbx_unobs_or_zero_occ_atoms.label_comp_id 
_pdbx_unobs_or_zero_occ_atoms.label_seq_id 
_pdbx_unobs_or_zero_occ_atoms.label_atom_id 
1 1 Y 1 A LYS 72 ? CE ? A LYS 10 CE 
2 1 Y 1 A LYS 72 ? NZ ? A LYS 10 NZ 
3 1 Y 1 A LYS 95 ? CE ? A LYS 33 CE 
4 1 Y 1 A LYS 95 ? NZ ? A LYS 33 NZ 
# 
loop_
_software.name 
_software.version 
_software.date 
_software.type 
_software.contact_author 
_software.contact_author_email 
_software.classification 
_software.location 
_software.language 
_software.citation_id 
_software.pdbx_ordinal 
DENZO       .               ?               package 'Zbyszek Otwinowski' hkl@hkl-xray.com      'data reduction'  
http://www.hkl-xray.com/                     ?          ? 1 
SCALEPACK   .               ?               package 'Zbyszek Otwinowski' hkl@hkl-xray.com      'data scaling'    
http://www.hkl-xray.com/                     ?          ? 2 
REFMAC      refmac_5.5.0063 24/04/2001      program 'Garib N. Murshudov' garib@ysbl.york.ac.uk refinement        
http://www.ccp4.ac.uk/dist/html/refmac5.html Fortran_77 ? 3 
PDB_EXTRACT 3.006           'June 11, 2008' package PDB                  help@deposit.rcsb.org 'data extraction' 
http://sw-tools.pdb.org/apps/PDB_EXTRACT/    C++        ? 4 
HKL-2000    .               ?               ?       ?                    ?                     'data collection' ? ?          ? 5 
HKL-2000    .               ?               ?       ?                    ?                     'data reduction'  ? ?          ? 6 
HKL-2000    .               ?               ?       ?                    ?                     'data scaling'    ? ?          ? 7 
SHELXE      .               ?               ?       ?                    ?                     'model building'  ? ?          ? 8 
PHASER      .               ?               ?       ?                    ?                     phasing           ? ?          ? 9 
# 
_cell.length_a           54.519 
_cell.length_b           54.519 
_cell.length_c           48.071 
_cell.angle_alpha        90.000 
_cell.angle_beta         90.000 
_cell.angle_gamma        120.000 
_cell.entry_id           3G9Y 
_cell.pdbx_unique_axis   ? 
_cell.Z_PDB              12 
_cell.length_a_esd       ? 
_cell.length_b_esd       ? 
_cell.length_c_esd       ? 
_cell.angle_alpha_esd    ? 
_cell.angle_beta_esd     ? 
_cell.angle_gamma_esd    ? 
# 
_symmetry.space_group_name_H-M             'P 65 2 2' 
_symmetry.entry_id                         3G9Y 
_symmetry.Int_Tables_number                179 
_symmetry.pdbx_full_space_group_name_H-M   ? 
_symmetry.cell_setting                     ? 
_symmetry.space_group_name_Hall            ? 
# 
_exptl.entry_id          3G9Y 
_exptl.method            'X-RAY DIFFRACTION' 
_exptl.crystals_number   2 
# 
_exptl_crystal.id                    1 
_exptl_crystal.pdbx_mosaicity        0.370 
_exptl_crystal.pdbx_mosaicity_esd    ? 
_exptl_crystal.density_Matthews      1.86 
_exptl_crystal.density_diffrn        ? 
_exptl_crystal.density_meas          ? 
_exptl_crystal.density_meas_temp     ? 
_exptl_crystal.density_percent_sol   33.75 
_exptl_crystal.size_max              ? 
_exptl_crystal.size_mid              ? 
_exptl_crystal.size_min              ? 
_exptl_crystal.size_rad              ? 
_exptl_crystal.description           ? 
_exptl_crystal.F_000                 ? 
_exptl_crystal.preparation           ? 
# 
_exptl_crystal_grow.crystal_id      1 
_exptl_crystal_grow.method          'VAPOR DIFFUSION, HANGING DROP' 
_exptl_crystal_grow.pH              7.0 
_exptl_crystal_grow.temp            298 
_exptl_crystal_grow.pdbx_details    
'2.2M malic acid, 0.1M bis-Tris propane, pH 7.0, VAPOR DIFFUSION, HANGING DROP, temperature 298K' 
_exptl_crystal_grow.temp_details    ? 
_exptl_crystal_grow.pdbx_pH_range   . 
# 
loop_
_exptl_crystal_grow_comp.crystal_id 
_exptl_crystal_grow_comp.id 
_exptl_crystal_grow_comp.sol_id 
_exptl_crystal_grow_comp.name 
_exptl_crystal_grow_comp.conc 
_exptl_crystal_grow_comp.volume 
_exptl_crystal_grow_comp.details 
1 1 1 'malic acid'       ? ? ? 
1 2 1 'bis-Tris propane' ? ? ? 
1 3 1 HOH                ? ? ? 
1 4 2 'malic acid'       ? ? ? 
1 5 2 'bis-Tris propane' ? ? ? 
1 6 2 HOH                ? ? ? 
# 
loop_
_diffrn.id 
_diffrn.ambient_temp 
_diffrn.ambient_temp_details 
_diffrn.crystal_id 
1 100 ? 1 
2 100 ? 1 
# 
loop_
_diffrn_detector.diffrn_id 
_diffrn_detector.detector 
_diffrn_detector.type 
_diffrn_detector.pdbx_collection_date 
_diffrn_detector.details 
1 'IMAGE PLATE' 'MAR scanner 345 mm plate' 2008-04-23 'OSMIC MIRRORS' 
2 CCD           MARRESEARCH                2008-08-12 ?               
# 
loop_
_diffrn_radiation.diffrn_id 
_diffrn_radiation.pdbx_diffrn_protocol 
_diffrn_radiation.monochromator 
_diffrn_radiation.wavelength_id 
_diffrn_radiation.pdbx_monochromatic_or_laue_m_l 
_diffrn_radiation.pdbx_scattering_type 
1 'SINGLE WAVELENGTH' 'Ni FILTER' 1 M x-ray 
2 'SINGLE WAVELENGTH' ?           1 M x-ray 
# 
loop_
_diffrn_radiation_wavelength.id 
_diffrn_radiation_wavelength.wavelength 
_diffrn_radiation_wavelength.wt 
1 1.54178 1.0 
2 0.97942 1.0 
# 
loop_
_diffrn_source.diffrn_id 
_diffrn_source.source 
_diffrn_source.type 
_diffrn_source.pdbx_wavelength_list 
_diffrn_source.pdbx_wavelength 
_diffrn_source.pdbx_synchrotron_site 
_diffrn_source.pdbx_synchrotron_beamline 
1 'ROTATING ANODE' 'RIGAKU RU200'         1.54178 ? ?   ?       
2 SYNCHROTRON      'APS BEAMLINE 23-ID-D' 0.97942 ? APS 23-ID-D 
# 
_reflns.entry_id                     3G9Y 
_reflns.d_resolution_high            1.400 
_reflns.d_resolution_low             50.000 
_reflns.number_obs                   8565 
_reflns.pdbx_Rmerge_I_obs            0.077 
_reflns.pdbx_netI_over_sigmaI        32.120 
_reflns.pdbx_chi_squared             1.009 
_reflns.pdbx_redundancy              23.600 
_reflns.percent_possible_obs         98.600 
_reflns.observed_criterion_sigma_F   ? 
_reflns.observed_criterion_sigma_I   ? 
_reflns.number_all                   ? 
_reflns.pdbx_Rsym_value              ? 
_reflns.B_iso_Wilson_estimate        ? 
_reflns.R_free_details               ? 
_reflns.limit_h_max                  ? 
_reflns.limit_h_min                  ? 
_reflns.limit_k_max                  ? 
_reflns.limit_k_min                  ? 
_reflns.limit_l_max                  ? 
_reflns.limit_l_min                  ? 
_reflns.observed_criterion_F_max     ? 
_reflns.observed_criterion_F_min     ? 
_reflns.pdbx_scaling_rejects         ? 
_reflns.pdbx_ordinal                 1 
_reflns.pdbx_diffrn_id               1,2 
# 
loop_
_reflns_shell.d_res_high 
_reflns_shell.d_res_low 
_reflns_shell.number_measured_obs 
_reflns_shell.number_measured_all 
_reflns_shell.number_unique_obs 
_reflns_shell.Rmerge_I_obs 
_reflns_shell.meanI_over_sigI_obs 
_reflns_shell.pdbx_Rsym_value 
_reflns_shell.pdbx_chi_squared 
_reflns_shell.pdbx_redundancy 
_reflns_shell.percent_possible_obs 
_reflns_shell.number_unique_all 
_reflns_shell.percent_possible_all 
_reflns_shell.pdbx_ordinal 
_reflns_shell.pdbx_diffrn_id 
1.40 1.42  ? ? ? 0.653 ? ? 1.018 20.90 ? 416 97.70  1  1,2 
1.42 1.45  ? ? ? 0.556 ? ? 0.995 21.50 ? 403 96.90  2  1,2 
1.45 1.48  ? ? ? 0.478 ? ? 1.015 21.10 ? 409 98.60  3  1,2 
1.48 1.51  ? ? ? 0.380 ? ? 1.016 21.10 ? 419 96.80  4  1,2 
1.51 1.54  ? ? ? 0.293 ? ? 1.007 21.40 ? 409 98.10  5  1,2 
1.54 1.58  ? ? ? 0.246 ? ? 1.001 21.10 ? 417 98.60  6  1,2 
1.58 1.62  ? ? ? 0.206 ? ? 1.009 21.20 ? 404 97.30  7  1,2 
1.62 1.66  ? ? ? 0.176 ? ? 0.995 21.20 ? 408 97.80  8  1,2 
1.66 1.71  ? ? ? 0.156 ? ? 0.999 21.00 ? 425 99.10  9  1,2 
1.71 1.76  ? ? ? 0.141 ? ? 1.012 21.00 ? 429 99.10  10 1,2 
1.76 1.83  ? ? ? 0.116 ? ? 1.011 21.10 ? 417 98.60  11 1,2 
1.83 1.90  ? ? ? 0.111 ? ? 1.006 21.20 ? 421 98.60  12 1,2 
1.90 1.99  ? ? ? 0.104 ? ? 1.003 20.80 ? 424 99.10  13 1,2 
1.99 2.09  ? ? ? 0.103 ? ? 1.007 21.60 ? 431 98.20  14 1,2 
2.09 2.22  ? ? ? 0.130 ? ? 1.043 30.30 ? 427 99.50  15 1,2 
2.22 2.39  ? ? ? 0.106 ? ? 0.997 30.70 ? 442 99.50  16 1,2 
2.39 2.63  ? ? ? 0.097 ? ? 0.988 30.50 ? 437 99.50  17 1,2 
2.63 3.02  ? ? ? 0.084 ? ? 1.007 30.10 ? 455 99.30  18 1,2 
3.02 3.80  ? ? ? 0.064 ? ? 1.013 28.40 ? 452 100.00 19 1,2 
3.80 50.00 ? ? ? 0.057 ? ? 1.023 23.80 ? 520 99.80  20 1,2 
# 
_refine.entry_id                                 3G9Y 
_refine.ls_d_res_high                            1.400 
_refine.ls_d_res_low                             33.690 
_refine.pdbx_ls_sigma_F                          0.00 
_refine.ls_percent_reflns_obs                    98.320 
_refine.ls_number_reflns_obs                     8548 
_refine.pdbx_ls_cross_valid_method               THROUGHOUT 
_refine.pdbx_R_Free_selection_details            RANDOM 
_refine.details                                  
;HYDROGENS HAVE BEEN ADDED IN THE RIDING POSITIONS
 U VALUES      : RESIDUAL ONLY
;
_refine.ls_R_factor_obs                          0.203 
_refine.ls_R_factor_R_work                       0.201 
_refine.ls_wR_factor_R_work                      0.229 
_refine.ls_R_factor_R_free                       0.235 
_refine.ls_wR_factor_R_free                      0.268 
_refine.ls_percent_reflns_R_free                 4.500 
_refine.ls_number_reflns_R_free                  387 
_refine.B_iso_mean                               27.367 
_refine.aniso_B[1][1]                            1.250 
_refine.aniso_B[2][2]                            1.250 
_refine.aniso_B[3][3]                            -1.870 
_refine.aniso_B[1][2]                            0.620 
_refine.aniso_B[1][3]                            0.000 
_refine.aniso_B[2][3]                            0.000 
_refine.correlation_coeff_Fo_to_Fc               0.954 
_refine.correlation_coeff_Fo_to_Fc_free          0.942 
_refine.pdbx_overall_ESU_R                       0.074 
_refine.pdbx_overall_ESU_R_Free                  0.077 
_refine.overall_SU_ML                            0.050 
_refine.overall_SU_B                             1.948 
_refine.solvent_model_details                    'BABINET MODEL WITH MASK' 
_refine.pdbx_solvent_vdw_probe_radii             1.200 
_refine.pdbx_solvent_ion_probe_radii             0.800 
_refine.pdbx_solvent_shrinkage_radii             0.800 
_refine.pdbx_method_to_determine_struct          SAD 
_refine.pdbx_stereochemistry_target_values       'MAXIMUM LIKELIHOOD' 
_refine.B_iso_max                                44.99 
_refine.B_iso_min                                17.32 
_refine.occupancy_max                            1.00 
_refine.occupancy_min                            0.30 
_refine.pdbx_ls_sigma_I                          ? 
_refine.ls_number_reflns_all                     ? 
_refine.ls_R_factor_all                          ? 
_refine.ls_redundancy_reflns_obs                 ? 
_refine.pdbx_data_cutoff_high_absF               ? 
_refine.pdbx_data_cutoff_low_absF                ? 
_refine.ls_number_parameters                     ? 
_refine.ls_number_restraints                     ? 
_refine.ls_R_factor_R_free_error                 ? 
_refine.ls_R_factor_R_free_error_details         ? 
_refine.pdbx_starting_model                      ? 
_refine.pdbx_stereochem_target_val_spec_case     ? 
_refine.solvent_model_param_bsol                 ? 
_refine.solvent_model_param_ksol                 ? 
_refine.pdbx_isotropic_thermal_model             ? 
_refine.overall_SU_R_Cruickshank_DPI             ? 
_refine.overall_SU_R_free                        ? 
_refine.pdbx_data_cutoff_high_rms_absF           ? 
_refine.overall_FOM_free_R_set                   ? 
_refine.overall_FOM_work_R_set                   ? 
_refine.pdbx_refine_id                           'X-RAY DIFFRACTION' 
_refine.pdbx_overall_phase_error                 ? 
_refine.pdbx_TLS_residual_ADP_flag               'LIKELY RESIDUAL' 
_refine.pdbx_diffrn_id                           1 
_refine.pdbx_overall_SU_R_free_Cruickshank_DPI   ? 
_refine.pdbx_overall_SU_R_Blow_DPI               ? 
_refine.pdbx_overall_SU_R_free_Blow_DPI          ? 
# 
_refine_hist.pdbx_refine_id                   'X-RAY DIFFRACTION' 
_refine_hist.cycle_id                         LAST 
_refine_hist.pdbx_number_atoms_protein        234 
_refine_hist.pdbx_number_atoms_nucleic_acid   129 
_refine_hist.pdbx_number_atoms_ligand         1 
_refine_hist.number_atoms_solvent             31 
_refine_hist.number_atoms_total               395 
_refine_hist.d_res_high                       1.400 
_refine_hist.d_res_low                        33.690 
# 
loop_
_refine_ls_restr.type 
_refine_ls_restr.number 
_refine_ls_restr.dev_ideal 
_refine_ls_restr.dev_ideal_target 
_refine_ls_restr.weight 
_refine_ls_restr.pdbx_refine_id 
_refine_ls_restr.pdbx_restraint_function 
r_bond_refined_d       423 0.009  0.021  ? 'X-RAY DIFFRACTION' ? 
r_bond_other_d         228 0.001  0.020  ? 'X-RAY DIFFRACTION' ? 
r_angle_refined_deg    608 1.547  2.388  ? 'X-RAY DIFFRACTION' ? 
r_angle_other_deg      556 1.027  3.014  ? 'X-RAY DIFFRACTION' ? 
r_dihedral_angle_1_deg 30  4.921  5.000  ? 'X-RAY DIFFRACTION' ? 
r_dihedral_angle_2_deg 13  40.082 24.615 ? 'X-RAY DIFFRACTION' ? 
r_dihedral_angle_3_deg 42  11.505 15.000 ? 'X-RAY DIFFRACTION' ? 
r_dihedral_angle_4_deg 2   9.616  15.000 ? 'X-RAY DIFFRACTION' ? 
r_chiral_restr         68  0.066  0.200  ? 'X-RAY DIFFRACTION' ? 
r_gen_planes_refined   355 0.005  0.020  ? 'X-RAY DIFFRACTION' ? 
r_gen_planes_other     65  0.001  0.020  ? 'X-RAY DIFFRACTION' ? 
r_mcbond_it            149 0.589  1.500  ? 'X-RAY DIFFRACTION' ? 
r_mcbond_other         57  0.167  1.500  ? 'X-RAY DIFFRACTION' ? 
r_mcangle_it           241 1.014  2.000  ? 'X-RAY DIFFRACTION' ? 
r_scbond_it            274 1.627  3.000  ? 'X-RAY DIFFRACTION' ? 
r_scangle_it           366 2.324  4.500  ? 'X-RAY DIFFRACTION' ? 
# 
loop_
_refine_ls_shell.pdbx_total_number_of_bins_used 
_refine_ls_shell.d_res_low 
_refine_ls_shell.d_res_high 
_refine_ls_shell.number_reflns_all 
_refine_ls_shell.percent_reflns_obs 
_refine_ls_shell.number_reflns_R_work 
_refine_ls_shell.R_factor_R_work 
_refine_ls_shell.number_reflns_R_free 
_refine_ls_shell.R_factor_R_free 
_refine_ls_shell.number_reflns_obs 
_refine_ls_shell.R_factor_R_free_error 
_refine_ls_shell.percent_reflns_R_free 
_refine_ls_shell.redundancy_reflns_obs 
_refine_ls_shell.R_factor_all 
_refine_ls_shell.pdbx_refine_id 
20 1.440  1.403 618 90.939  533 0.229 29 0.238 . . . . . 'X-RAY DIFFRACTION' 
20 1.479  1.440 611 98.363  575 0.227 26 0.271 . . . . . 'X-RAY DIFFRACTION' 
20 1.522  1.479 592 97.635  550 0.222 28 0.225 . . . . . 'X-RAY DIFFRACTION' 
20 1.569  1.522 569 97.715  536 0.193 20 0.197 . . . . . 'X-RAY DIFFRACTION' 
20 1.620  1.569 563 98.046  529 0.186 23 0.203 . . . . . 'X-RAY DIFFRACTION' 
20 1.677  1.620 539 98.516  511 0.175 20 0.180 . . . . . 'X-RAY DIFFRACTION' 
20 1.740  1.677 524 98.664  498 0.180 19 0.226 . . . . . 'X-RAY DIFFRACTION' 
20 1.811  1.740 509 99.018  490 0.180 14 0.198 . . . . . 'X-RAY DIFFRACTION' 
20 1.891  1.811 488 98.975  449 0.184 34 0.266 . . . . . 'X-RAY DIFFRACTION' 
20 1.983  1.891 470 99.362  441 0.173 26 0.140 . . . . . 'X-RAY DIFFRACTION' 
20 2.090  1.983 453 98.455  419 0.206 27 0.183 . . . . . 'X-RAY DIFFRACTION' 
20 2.216  2.090 420 99.524  405 0.173 13 0.224 . . . . . 'X-RAY DIFFRACTION' 
20 2.368  2.216 406 99.261  384 0.176 19 0.179 . . . . . 'X-RAY DIFFRACTION' 
20 2.557  2.368 369 100.000 361 0.198 8  0.175 . . . . . 'X-RAY DIFFRACTION' 
20 2.799  2.557 359 99.721  338 0.218 20 0.293 . . . . . 'X-RAY DIFFRACTION' 
20 3.127  2.799 321 100.000 308 0.215 13 0.197 . . . . . 'X-RAY DIFFRACTION' 
20 3.606  3.127 290 100.000 281 0.191 9  0.143 . . . . . 'X-RAY DIFFRACTION' 
20 4.404  3.606 253 99.605  237 0.165 15 0.207 . . . . . 'X-RAY DIFFRACTION' 
20 6.175  4.404 204 100.000 193 0.206 11 0.246 . . . . . 'X-RAY DIFFRACTION' 
20 33.691 6.175 136 100.000 123 0.348 13 0.508 . . . . . 'X-RAY DIFFRACTION' 
# 
_struct.entry_id                  3G9Y 
_struct.title                     
'Crystal structure of the second zinc finger from ZRANB2/ZNF265 bound to 6 nt ssRNA sequence AGGUAA' 
_struct.pdbx_model_details        ? 
_struct.pdbx_CASP_flag            ? 
_struct.pdbx_model_type_details   ? 
# 
_struct_keywords.entry_id        3G9Y 
_struct_keywords.text            'zinc finger, ZRANB2, ZNF265, RNA, protein-RNA complex, TRANSCRIPTION-RNA COMPLEX' 
_struct_keywords.pdbx_keywords   TRANSCRIPTION/RNA 
# 
loop_
_struct_asym.id 
_struct_asym.pdbx_blank_PDB_chainid_flag 
_struct_asym.pdbx_modified 
_struct_asym.entity_id 
_struct_asym.details 
A N N 1 ? 
B N N 2 ? 
C N N 3 ? 
D N N 4 ? 
E N N 4 ? 
# 
loop_
_struct_ref.id 
_struct_ref.db_name 
_struct_ref.db_code 
_struct_ref.pdbx_db_accession 
_struct_ref.entity_id 
_struct_ref.pdbx_seq_one_letter_code 
_struct_ref.pdbx_align_begin 
_struct_ref.pdbx_db_isoform 
1 UNP ZRAB2_HUMAN O95218 1 SANDWQCKTCSNVNWARRSECNMCNTPKYAK 65 ? 
2 PDB 3G9Y        3G9Y   2 AGGUAA                          1  ? 
# 
loop_
_struct_ref_seq.align_id 
_struct_ref_seq.ref_id 
_struct_ref_seq.pdbx_PDB_id_code 
_struct_ref_seq.pdbx_strand_id 
_struct_ref_seq.seq_align_beg 
_struct_ref_seq.pdbx_seq_align_beg_ins_code 
_struct_ref_seq.seq_align_end 
_struct_ref_seq.pdbx_seq_align_end_ins_code 
_struct_ref_seq.pdbx_db_accession 
_struct_ref_seq.db_align_beg 
_struct_ref_seq.pdbx_db_align_beg_ins_code 
_struct_ref_seq.db_align_end 
_struct_ref_seq.pdbx_db_align_end_ins_code 
_struct_ref_seq.pdbx_auth_seq_align_beg 
_struct_ref_seq.pdbx_auth_seq_align_end 
1 1 3G9Y A 3 ? 33 ? O95218 65 ? 95 ? 65 95 
2 2 3G9Y C 1 ? 6  ? 3G9Y   1  ? 6  ? 1  6  
# 
loop_
_struct_ref_seq_dif.align_id 
_struct_ref_seq_dif.pdbx_pdb_id_code 
_struct_ref_seq_dif.mon_id 
_struct_ref_seq_dif.pdbx_pdb_strand_id 
_struct_ref_seq_dif.seq_num 
_struct_ref_seq_dif.pdbx_pdb_ins_code 
_struct_ref_seq_dif.pdbx_seq_db_name 
_struct_ref_seq_dif.pdbx_seq_db_accession_code 
_struct_ref_seq_dif.db_mon_id 
_struct_ref_seq_dif.pdbx_seq_db_seq_num 
_struct_ref_seq_dif.details 
_struct_ref_seq_dif.pdbx_auth_seq_num 
_struct_ref_seq_dif.pdbx_ordinal 
1 3G9Y GLY A 1 ? UNP O95218 ? ? 'expression tag' 63 1 
1 3G9Y SER A 2 ? UNP O95218 ? ? 'expression tag' 64 2 
# 
_pdbx_struct_assembly.id                   1 
_pdbx_struct_assembly.details              author_defined_assembly 
_pdbx_struct_assembly.method_details       ? 
_pdbx_struct_assembly.oligomeric_details   dimeric 
_pdbx_struct_assembly.oligomeric_count     2 
# 
_pdbx_struct_assembly_gen.assembly_id       1 
_pdbx_struct_assembly_gen.oper_expression   1 
_pdbx_struct_assembly_gen.asym_id_list      A,B,C,D,E 
# 
_pdbx_struct_oper_list.id                   1 
_pdbx_struct_oper_list.type                 'identity operation' 
_pdbx_struct_oper_list.name                 1_555 
_pdbx_struct_oper_list.symmetry_operation   x,y,z 
_pdbx_struct_oper_list.matrix[1][1]         1.0000000000 
_pdbx_struct_oper_list.matrix[1][2]         0.0000000000 
_pdbx_struct_oper_list.matrix[1][3]         0.0000000000 
_pdbx_struct_oper_list.vector[1]            0.0000000000 
_pdbx_struct_oper_list.matrix[2][1]         0.0000000000 
_pdbx_struct_oper_list.matrix[2][2]         1.0000000000 
_pdbx_struct_oper_list.matrix[2][3]         0.0000000000 
_pdbx_struct_oper_list.vector[2]            0.0000000000 
_pdbx_struct_oper_list.matrix[3][1]         0.0000000000 
_pdbx_struct_oper_list.matrix[3][2]         0.0000000000 
_pdbx_struct_oper_list.matrix[3][3]         1.0000000000 
_pdbx_struct_oper_list.vector[3]            0.0000000000 
# 
_struct_biol.id        1 
_struct_biol.details   ? 
# 
loop_
_struct_conn.id 
_struct_conn.conn_type_id 
_struct_conn.pdbx_leaving_atom_flag 
_struct_conn.pdbx_PDB_id 
_struct_conn.ptnr1_label_asym_id 
_struct_conn.ptnr1_label_comp_id 
_struct_conn.ptnr1_label_seq_id 
_struct_conn.ptnr1_label_atom_id 
_struct_conn.pdbx_ptnr1_label_alt_id 
_struct_conn.pdbx_ptnr1_PDB_ins_code 
_struct_conn.pdbx_ptnr1_standard_comp_id 
_struct_conn.ptnr1_symmetry 
_struct_conn.ptnr2_label_asym_id 
_struct_conn.ptnr2_label_comp_id 
_struct_conn.ptnr2_label_seq_id 
_struct_conn.ptnr2_label_atom_id 
_struct_conn.pdbx_ptnr2_label_alt_id 
_struct_conn.pdbx_ptnr2_PDB_ins_code 
_struct_conn.ptnr1_auth_asym_id 
_struct_conn.ptnr1_auth_comp_id 
_struct_conn.ptnr1_auth_seq_id 
_struct_conn.ptnr2_auth_asym_id 
_struct_conn.ptnr2_auth_comp_id 
_struct_conn.ptnr2_auth_seq_id 
_struct_conn.ptnr2_symmetry 
_struct_conn.pdbx_ptnr3_label_atom_id 
_struct_conn.pdbx_ptnr3_label_seq_id 
_struct_conn.pdbx_ptnr3_label_comp_id 
_struct_conn.pdbx_ptnr3_label_asym_id 
_struct_conn.pdbx_ptnr3_label_alt_id 
_struct_conn.pdbx_ptnr3_PDB_ins_code 
_struct_conn.details 
_struct_conn.pdbx_dist_value 
_struct_conn.pdbx_value_order 
_struct_conn.pdbx_role 
metalc1 metalc ? ? C ZN . ZN ? ? ? 1_555 A CYS 9  SG ? ? A ZN 1 A CYS 71 1_555 ? ? ? ? ? ? ?            2.350 ? ? 
metalc2 metalc ? ? C ZN . ZN ? ? ? 1_555 A CYS 12 SG ? ? A ZN 1 A CYS 74 1_555 ? ? ? ? ? ? ?            2.255 ? ? 
metalc3 metalc ? ? C ZN . ZN ? ? ? 1_555 A CYS 23 SG ? ? A ZN 1 A CYS 85 1_555 ? ? ? ? ? ? ?            2.365 ? ? 
metalc4 metalc ? ? C ZN . ZN ? ? ? 1_555 A CYS 26 SG ? ? A ZN 1 A CYS 88 1_555 ? ? ? ? ? ? ?            2.323 ? ? 
hydrog1 hydrog ? ? B G  3 N2 ? ? ? 1_555 B A   5  N1 A ? C G  3 C A   5  1_555 ? ? ? ? ? ? TYPE_10_PAIR ?     ? ? 
hydrog2 hydrog ? ? B G  3 N3 ? ? ? 1_555 B A   5  N6 A ? C G  3 C A   5  1_555 ? ? ? ? ? ? TYPE_10_PAIR ?     ? ? 
# 
loop_
_struct_conn_type.id 
_struct_conn_type.criteria 
_struct_conn_type.reference 
metalc ? ? 
hydrog ? ? 
# 
loop_
_pdbx_struct_conn_angle.id 
_pdbx_struct_conn_angle.ptnr1_label_atom_id 
_pdbx_struct_conn_angle.ptnr1_label_alt_id 
_pdbx_struct_conn_angle.ptnr1_label_asym_id 
_pdbx_struct_conn_angle.ptnr1_label_comp_id 
_pdbx_struct_conn_angle.ptnr1_label_seq_id 
_pdbx_struct_conn_angle.ptnr1_auth_atom_id 
_pdbx_struct_conn_angle.ptnr1_auth_asym_id 
_pdbx_struct_conn_angle.ptnr1_auth_comp_id 
_pdbx_struct_conn_angle.ptnr1_auth_seq_id 
_pdbx_struct_conn_angle.ptnr1_PDB_ins_code 
_pdbx_struct_conn_angle.ptnr1_symmetry 
_pdbx_struct_conn_angle.ptnr2_label_atom_id 
_pdbx_struct_conn_angle.ptnr2_label_alt_id 
_pdbx_struct_conn_angle.ptnr2_label_asym_id 
_pdbx_struct_conn_angle.ptnr2_label_comp_id 
_pdbx_struct_conn_angle.ptnr2_label_seq_id 
_pdbx_struct_conn_angle.ptnr2_auth_atom_id 
_pdbx_struct_conn_angle.ptnr2_auth_asym_id 
_pdbx_struct_conn_angle.ptnr2_auth_comp_id 
_pdbx_struct_conn_angle.ptnr2_auth_seq_id 
_pdbx_struct_conn_angle.ptnr2_PDB_ins_code 
_pdbx_struct_conn_angle.ptnr2_symmetry 
_pdbx_struct_conn_angle.ptnr3_label_atom_id 
_pdbx_struct_conn_angle.ptnr3_label_alt_id 
_pdbx_struct_conn_angle.ptnr3_label_asym_id 
_pdbx_struct_conn_angle.ptnr3_label_comp_id 
_pdbx_struct_conn_angle.ptnr3_label_seq_id 
_pdbx_struct_conn_angle.ptnr3_auth_atom_id 
_pdbx_struct_conn_angle.ptnr3_auth_asym_id 
_pdbx_struct_conn_angle.ptnr3_auth_comp_id 
_pdbx_struct_conn_angle.ptnr3_auth_seq_id 
_pdbx_struct_conn_angle.ptnr3_PDB_ins_code 
_pdbx_struct_conn_angle.ptnr3_symmetry 
_pdbx_struct_conn_angle.value 
_pdbx_struct_conn_angle.value_esd 
1 SG ? A CYS 9  ? A CYS 71 ? 1_555 ZN ? C ZN . ? A ZN 1 ? 1_555 SG ? A CYS 12 ? A CYS 74 ? 1_555 116.4 ? 
2 SG ? A CYS 9  ? A CYS 71 ? 1_555 ZN ? C ZN . ? A ZN 1 ? 1_555 SG ? A CYS 23 ? A CYS 85 ? 1_555 106.6 ? 
3 SG ? A CYS 12 ? A CYS 74 ? 1_555 ZN ? C ZN . ? A ZN 1 ? 1_555 SG ? A CYS 23 ? A CYS 85 ? 1_555 101.8 ? 
4 SG ? A CYS 9  ? A CYS 71 ? 1_555 ZN ? C ZN . ? A ZN 1 ? 1_555 SG ? A CYS 26 ? A CYS 88 ? 1_555 100.9 ? 
5 SG ? A CYS 12 ? A CYS 74 ? 1_555 ZN ? C ZN . ? A ZN 1 ? 1_555 SG ? A CYS 26 ? A CYS 88 ? 1_555 118.6 ? 
6 SG ? A CYS 23 ? A CYS 85 ? 1_555 ZN ? C ZN . ? A ZN 1 ? 1_555 SG ? A CYS 26 ? A CYS 88 ? 1_555 112.3 ? 
# 
_struct_sheet.id               A 
_struct_sheet.type             ? 
_struct_sheet.number_strands   2 
_struct_sheet.details          ? 
# 
_struct_sheet_order.sheet_id     A 
_struct_sheet_order.range_id_1   1 
_struct_sheet_order.range_id_2   2 
_struct_sheet_order.offset       ? 
_struct_sheet_order.sense        anti-parallel 
# 
loop_
_struct_sheet_range.sheet_id 
_struct_sheet_range.id 
_struct_sheet_range.beg_label_comp_id 
_struct_sheet_range.beg_label_asym_id 
_struct_sheet_range.beg_label_seq_id 
_struct_sheet_range.pdbx_beg_PDB_ins_code 
_struct_sheet_range.end_label_comp_id 
_struct_sheet_range.end_label_asym_id 
_struct_sheet_range.end_label_seq_id 
_struct_sheet_range.pdbx_end_PDB_ins_code 
_struct_sheet_range.beg_auth_comp_id 
_struct_sheet_range.beg_auth_asym_id 
_struct_sheet_range.beg_auth_seq_id 
_struct_sheet_range.end_auth_comp_id 
_struct_sheet_range.end_auth_asym_id 
_struct_sheet_range.end_auth_seq_id 
A 1 TRP A 7  ? GLN A 8  ? TRP A 69 GLN A 70 
A 2 VAL A 15 ? ASN A 16 ? VAL A 77 ASN A 78 
# 
_pdbx_struct_sheet_hbond.sheet_id                A 
_pdbx_struct_sheet_hbond.range_id_1              1 
_pdbx_struct_sheet_hbond.range_id_2              2 
_pdbx_struct_sheet_hbond.range_1_label_atom_id   N 
_pdbx_struct_sheet_hbond.range_1_label_comp_id   TRP 
_pdbx_struct_sheet_hbond.range_1_label_asym_id   A 
_pdbx_struct_sheet_hbond.range_1_label_seq_id    7 
_pdbx_struct_sheet_hbond.range_1_PDB_ins_code    ? 
_pdbx_struct_sheet_hbond.range_1_auth_atom_id    N 
_pdbx_struct_sheet_hbond.range_1_auth_comp_id    TRP 
_pdbx_struct_sheet_hbond.range_1_auth_asym_id    A 
_pdbx_struct_sheet_hbond.range_1_auth_seq_id     69 
_pdbx_struct_sheet_hbond.range_2_label_atom_id   O 
_pdbx_struct_sheet_hbond.range_2_label_comp_id   ASN 
_pdbx_struct_sheet_hbond.range_2_label_asym_id   A 
_pdbx_struct_sheet_hbond.range_2_label_seq_id    16 
_pdbx_struct_sheet_hbond.range_2_PDB_ins_code    ? 
_pdbx_struct_sheet_hbond.range_2_auth_atom_id    O 
_pdbx_struct_sheet_hbond.range_2_auth_comp_id    ASN 
_pdbx_struct_sheet_hbond.range_2_auth_asym_id    A 
_pdbx_struct_sheet_hbond.range_2_auth_seq_id     78 
# 
_struct_site.id                   AC1 
_struct_site.pdbx_evidence_code   Software 
_struct_site.pdbx_auth_asym_id    A 
_struct_site.pdbx_auth_comp_id    ZN 
_struct_site.pdbx_auth_seq_id     1 
_struct_site.pdbx_auth_ins_code   ? 
_struct_site.pdbx_num_residues    4 
_struct_site.details              'BINDING SITE FOR RESIDUE ZN A 1' 
# 
loop_
_struct_site_gen.id 
_struct_site_gen.site_id 
_struct_site_gen.pdbx_num_res 
_struct_site_gen.label_comp_id 
_struct_site_gen.label_asym_id 
_struct_site_gen.label_seq_id 
_struct_site_gen.pdbx_auth_ins_code 
_struct_site_gen.auth_comp_id 
_struct_site_gen.auth_asym_id 
_struct_site_gen.auth_seq_id 
_struct_site_gen.label_atom_id 
_struct_site_gen.label_alt_id 
_struct_site_gen.symmetry 
_struct_site_gen.details 
1 AC1 4 CYS A 9  ? CYS A 71 . ? 1_555 ? 
2 AC1 4 CYS A 12 ? CYS A 74 . ? 1_555 ? 
3 AC1 4 CYS A 23 ? CYS A 85 . ? 1_555 ? 
4 AC1 4 CYS A 26 ? CYS A 88 . ? 1_555 ? 
# 
_pdbx_validate_rmsd_angle.id                         1 
_pdbx_validate_rmsd_angle.PDB_model_num              1 
_pdbx_validate_rmsd_angle.auth_atom_id_1             "C3'" 
_pdbx_validate_rmsd_angle.auth_asym_id_1             C 
_pdbx_validate_rmsd_angle.auth_comp_id_1             U 
_pdbx_validate_rmsd_angle.auth_seq_id_1              4 
_pdbx_validate_rmsd_angle.PDB_ins_code_1             ? 
_pdbx_validate_rmsd_angle.label_alt_id_1             ? 
_pdbx_validate_rmsd_angle.auth_atom_id_2             "O3'" 
_pdbx_validate_rmsd_angle.auth_asym_id_2             C 
_pdbx_validate_rmsd_angle.auth_comp_id_2             U 
_pdbx_validate_rmsd_angle.auth_seq_id_2              4 
_pdbx_validate_rmsd_angle.PDB_ins_code_2             ? 
_pdbx_validate_rmsd_angle.label_alt_id_2             ? 
_pdbx_validate_rmsd_angle.auth_atom_id_3             P 
_pdbx_validate_rmsd_angle.auth_asym_id_3             C 
_pdbx_validate_rmsd_angle.auth_comp_id_3             A 
_pdbx_validate_rmsd_angle.auth_seq_id_3              5 
_pdbx_validate_rmsd_angle.PDB_ins_code_3             ? 
_pdbx_validate_rmsd_angle.label_alt_id_3             A 
_pdbx_validate_rmsd_angle.angle_value                129.40 
_pdbx_validate_rmsd_angle.angle_target_value         119.70 
_pdbx_validate_rmsd_angle.angle_deviation            9.70 
_pdbx_validate_rmsd_angle.angle_standard_deviation   1.20 
_pdbx_validate_rmsd_angle.linker_flag                Y 
# 
_pdbx_struct_special_symmetry.id              1 
_pdbx_struct_special_symmetry.PDB_model_num   1 
_pdbx_struct_special_symmetry.auth_asym_id    C 
_pdbx_struct_special_symmetry.auth_comp_id    A 
_pdbx_struct_special_symmetry.auth_seq_id     1 
_pdbx_struct_special_symmetry.PDB_ins_code    ? 
_pdbx_struct_special_symmetry.label_asym_id   B 
_pdbx_struct_special_symmetry.label_comp_id   A 
_pdbx_struct_special_symmetry.label_seq_id    1 
# 
_diffrn_reflns.diffrn_id                   1 
_diffrn_reflns.pdbx_d_res_high             1.610 
_diffrn_reflns.pdbx_d_res_low              40.000 
_diffrn_reflns.pdbx_number_obs             5860 
_diffrn_reflns.pdbx_Rmerge_I_obs           0.039 
_diffrn_reflns.pdbx_Rsym_value             ? 
_diffrn_reflns.pdbx_chi_squared            1.00 
_diffrn_reflns.av_sigmaI_over_netI         32.12 
_diffrn_reflns.pdbx_redundancy             16.00 
_diffrn_reflns.pdbx_percent_possible_obs   99.90 
_diffrn_reflns.number                      93867 
_diffrn_reflns.pdbx_observed_criterion     ? 
_diffrn_reflns.limit_h_max                 ? 
_diffrn_reflns.limit_h_min                 ? 
_diffrn_reflns.limit_k_max                 ? 
_diffrn_reflns.limit_k_min                 ? 
_diffrn_reflns.limit_l_max                 ? 
_diffrn_reflns.limit_l_min                 ? 
# 
loop_
_pdbx_diffrn_reflns_shell.diffrn_id 
_pdbx_diffrn_reflns_shell.d_res_high 
_pdbx_diffrn_reflns_shell.d_res_low 
_pdbx_diffrn_reflns_shell.number_obs 
_pdbx_diffrn_reflns_shell.rejects 
_pdbx_diffrn_reflns_shell.Rmerge_I_obs 
_pdbx_diffrn_reflns_shell.Rsym_value 
_pdbx_diffrn_reflns_shell.chi_squared 
_pdbx_diffrn_reflns_shell.redundancy 
_pdbx_diffrn_reflns_shell.percent_possible_obs 
1 4.37 40.00 ? ? 0.036 ? 1.005 14.30 98.00  
1 3.47 4.37  ? ? 0.029 ? 1.008 15.90 100.00 
1 3.03 3.47  ? ? 0.029 ? 0.993 16.20 99.70  
1 2.75 3.03  ? ? 0.035 ? 0.984 16.20 100.00 
1 2.56 2.75  ? ? 0.039 ? 1.018 16.50 100.00 
1 2.40 2.56  ? ? 0.041 ? 1.026 16.50 100.00 
1 2.28 2.40  ? ? 0.043 ? 1.018 16.40 100.00 
1 2.19 2.28  ? ? 0.047 ? 1.010 16.50 100.00 
1 2.10 2.19  ? ? 0.053 ? 1.012 16.50 100.00 
1 2.03 2.10  ? ? 0.063 ? 0.998 16.30 100.00 
1 1.97 2.03  ? ? 0.072 ? 1.021 16.40 100.00 
1 1.91 1.97  ? ? 0.079 ? 1.000 16.20 100.00 
1 1.86 1.91  ? ? 0.084 ? 0.981 16.30 100.00 
1 1.81 1.86  ? ? 0.094 ? 1.017 16.20 100.00 
1 1.77 1.81  ? ? 0.107 ? 0.994 16.10 100.00 
1 1.73 1.77  ? ? 0.127 ? 0.997 16.20 100.00 
1 1.70 1.73  ? ? 0.138 ? 0.984 16.00 100.00 
1 1.67 1.70  ? ? 0.175 ? 1.031 15.90 100.00 
1 1.64 1.67  ? ? 0.160 ? 0.993 15.80 100.00 
1 1.61 1.64  ? ? 0.201 ? 0.984 14.30 100.00 
# 
loop_
_pdbx_refine_tls.id 
_pdbx_refine_tls.details 
_pdbx_refine_tls.method 
_pdbx_refine_tls.origin_x 
_pdbx_refine_tls.origin_y 
_pdbx_refine_tls.origin_z 
_pdbx_refine_tls.T[1][1] 
_pdbx_refine_tls.T[2][2] 
_pdbx_refine_tls.T[3][3] 
_pdbx_refine_tls.T[1][2] 
_pdbx_refine_tls.T[1][3] 
_pdbx_refine_tls.T[2][3] 
_pdbx_refine_tls.L[1][1] 
_pdbx_refine_tls.L[2][2] 
_pdbx_refine_tls.L[3][3] 
_pdbx_refine_tls.L[1][2] 
_pdbx_refine_tls.L[1][3] 
_pdbx_refine_tls.L[2][3] 
_pdbx_refine_tls.S[1][1] 
_pdbx_refine_tls.S[2][2] 
_pdbx_refine_tls.S[3][3] 
_pdbx_refine_tls.S[1][2] 
_pdbx_refine_tls.S[1][3] 
_pdbx_refine_tls.S[2][3] 
_pdbx_refine_tls.S[2][1] 
_pdbx_refine_tls.S[3][1] 
_pdbx_refine_tls.S[3][2] 
_pdbx_refine_tls.pdbx_refine_id 
1 ? refined 1.0460  -3.1846 -0.0926 -0.1093 -0.0572 0.0241  0.0496  -0.0004 -0.0096 3.3601  8.4219  14.6298 1.1939 -3.5488 5.5271  -0.0432 0.2543  -0.2111 0.1885 -0.2931 -0.6062 0.1612  0.3791  0.7680  'X-RAY DIFFRACTION' 
2 ? refined -4.8447 0.9066  -1.9695 -0.0927 -0.0608 -0.0195 0.0227  0.0031  0.0322  5.9241  4.5004  11.2086 0.4330 -1.5511 0.9907  0.1026  0.0233  -0.1259 0.6368 0.0044  0.2441  -0.3110 -0.5153 -0.4745 'X-RAY DIFFRACTION' 
3 ? refined 2.4515  6.1757  -0.3059 -0.0355 -0.0832 -0.0290 -0.0354 0.0468  0.0249  5.7409  16.3579 3.9509  6.6023 -3.3138 -3.6761 -0.0606 -0.2847 0.3453  0.0594 -0.5489 -0.6734 -0.2124 0.2007  0.3190  'X-RAY DIFFRACTION' 
4 ? refined -8.9651 -8.5623 -5.1698 -0.0222 0.0551  0.0810  -0.0374 0.0509  -0.1161 11.2549 12.7956 18.8400 2.6338 1.3544  -6.9816 -0.2938 0.5409  -0.2472 0.9925 -0.9534 0.1165  -0.7426 0.8063  -1.0296 'X-RAY DIFFRACTION' 
# 
loop_
_pdbx_refine_tls_group.id 
_pdbx_refine_tls_group.refine_tls_id 
_pdbx_refine_tls_group.beg_auth_asym_id 
_pdbx_refine_tls_group.end_auth_asym_id 
_pdbx_refine_tls_group.end_auth_seq_id 
_pdbx_refine_tls_group.selection 
_pdbx_refine_tls_group.beg_auth_seq_id 
_pdbx_refine_tls_group.beg_label_asym_id 
_pdbx_refine_tls_group.beg_label_seq_id 
_pdbx_refine_tls_group.end_label_asym_id 
_pdbx_refine_tls_group.end_label_seq_id 
_pdbx_refine_tls_group.pdbx_refine_id 
_pdbx_refine_tls_group.selection_details 
1 1 A A 81 ? 67 . . . . 'X-RAY DIFFRACTION' ? 
2 2 A A 90 ? 82 . . . . 'X-RAY DIFFRACTION' ? 
3 3 A A 95 ? 91 . . . . 'X-RAY DIFFRACTION' ? 
4 4 C C 4  ? 1  . . . . 'X-RAY DIFFRACTION' ? 
# 
loop_
_pdbx_unobs_or_zero_occ_residues.id 
_pdbx_unobs_or_zero_occ_residues.PDB_model_num 
_pdbx_unobs_or_zero_occ_residues.polymer_flag 
_pdbx_unobs_or_zero_occ_residues.occupancy_flag 
_pdbx_unobs_or_zero_occ_residues.auth_asym_id 
_pdbx_unobs_or_zero_occ_residues.auth_comp_id 
_pdbx_unobs_or_zero_occ_residues.auth_seq_id 
_pdbx_unobs_or_zero_occ_residues.PDB_ins_code 
_pdbx_unobs_or_zero_occ_residues.label_asym_id 
_pdbx_unobs_or_zero_occ_residues.label_comp_id 
_pdbx_unobs_or_zero_occ_residues.label_seq_id 
1 1 Y 1 A GLY 63 ? A GLY 1 
2 1 Y 1 A SER 64 ? A SER 2 
3 1 Y 1 A SER 65 ? A SER 3 
4 1 Y 1 A ALA 66 ? A ALA 4 
# 
loop_
_chem_comp_atom.comp_id 
_chem_comp_atom.atom_id 
_chem_comp_atom.type_symbol 
_chem_comp_atom.pdbx_aromatic_flag 
_chem_comp_atom.pdbx_stereo_config 
_chem_comp_atom.pdbx_ordinal 
A   OP3    O  N N 1   
A   P      P  N N 2   
A   OP1    O  N N 3   
A   OP2    O  N N 4   
A   "O5'"  O  N N 5   
A   "C5'"  C  N N 6   
A   "C4'"  C  N R 7   
A   "O4'"  O  N N 8   
A   "C3'"  C  N S 9   
A   "O3'"  O  N N 10  
A   "C2'"  C  N R 11  
A   "O2'"  O  N N 12  
A   "C1'"  C  N R 13  
A   N9     N  Y N 14  
A   C8     C  Y N 15  
A   N7     N  Y N 16  
A   C5     C  Y N 17  
A   C6     C  Y N 18  
A   N6     N  N N 19  
A   N1     N  Y N 20  
A   C2     C  Y N 21  
A   N3     N  Y N 22  
A   C4     C  Y N 23  
A   HOP3   H  N N 24  
A   HOP2   H  N N 25  
A   "H5'"  H  N N 26  
A   "H5''" H  N N 27  
A   "H4'"  H  N N 28  
A   "H3'"  H  N N 29  
A   "HO3'" H  N N 30  
A   "H2'"  H  N N 31  
A   "HO2'" H  N N 32  
A   "H1'"  H  N N 33  
A   H8     H  N N 34  
A   H61    H  N N 35  
A   H62    H  N N 36  
A   H2     H  N N 37  
ALA N      N  N N 38  
ALA CA     C  N S 39  
ALA C      C  N N 40  
ALA O      O  N N 41  
ALA CB     C  N N 42  
ALA OXT    O  N N 43  
ALA H      H  N N 44  
ALA H2     H  N N 45  
ALA HA     H  N N 46  
ALA HB1    H  N N 47  
ALA HB2    H  N N 48  
ALA HB3    H  N N 49  
ALA HXT    H  N N 50  
ARG N      N  N N 51  
ARG CA     C  N S 52  
ARG C      C  N N 53  
ARG O      O  N N 54  
ARG CB     C  N N 55  
ARG CG     C  N N 56  
ARG CD     C  N N 57  
ARG NE     N  N N 58  
ARG CZ     C  N N 59  
ARG NH1    N  N N 60  
ARG NH2    N  N N 61  
ARG OXT    O  N N 62  
ARG H      H  N N 63  
ARG H2     H  N N 64  
ARG HA     H  N N 65  
ARG HB2    H  N N 66  
ARG HB3    H  N N 67  
ARG HG2    H  N N 68  
ARG HG3    H  N N 69  
ARG HD2    H  N N 70  
ARG HD3    H  N N 71  
ARG HE     H  N N 72  
ARG HH11   H  N N 73  
ARG HH12   H  N N 74  
ARG HH21   H  N N 75  
ARG HH22   H  N N 76  
ARG HXT    H  N N 77  
ASN N      N  N N 78  
ASN CA     C  N S 79  
ASN C      C  N N 80  
ASN O      O  N N 81  
ASN CB     C  N N 82  
ASN CG     C  N N 83  
ASN OD1    O  N N 84  
ASN ND2    N  N N 85  
ASN OXT    O  N N 86  
ASN H      H  N N 87  
ASN H2     H  N N 88  
ASN HA     H  N N 89  
ASN HB2    H  N N 90  
ASN HB3    H  N N 91  
ASN HD21   H  N N 92  
ASN HD22   H  N N 93  
ASN HXT    H  N N 94  
ASP N      N  N N 95  
ASP CA     C  N S 96  
ASP C      C  N N 97  
ASP O      O  N N 98  
ASP CB     C  N N 99  
ASP CG     C  N N 100 
ASP OD1    O  N N 101 
ASP OD2    O  N N 102 
ASP OXT    O  N N 103 
ASP H      H  N N 104 
ASP H2     H  N N 105 
ASP HA     H  N N 106 
ASP HB2    H  N N 107 
ASP HB3    H  N N 108 
ASP HD2    H  N N 109 
ASP HXT    H  N N 110 
CYS N      N  N N 111 
CYS CA     C  N R 112 
CYS C      C  N N 113 
CYS O      O  N N 114 
CYS CB     C  N N 115 
CYS SG     S  N N 116 
CYS OXT    O  N N 117 
CYS H      H  N N 118 
CYS H2     H  N N 119 
CYS HA     H  N N 120 
CYS HB2    H  N N 121 
CYS HB3    H  N N 122 
CYS HG     H  N N 123 
CYS HXT    H  N N 124 
G   OP3    O  N N 125 
G   P      P  N N 126 
G   OP1    O  N N 127 
G   OP2    O  N N 128 
G   "O5'"  O  N N 129 
G   "C5'"  C  N N 130 
G   "C4'"  C  N R 131 
G   "O4'"  O  N N 132 
G   "C3'"  C  N S 133 
G   "O3'"  O  N N 134 
G   "C2'"  C  N R 135 
G   "O2'"  O  N N 136 
G   "C1'"  C  N R 137 
G   N9     N  Y N 138 
G   C8     C  Y N 139 
G   N7     N  Y N 140 
G   C5     C  Y N 141 
G   C6     C  N N 142 
G   O6     O  N N 143 
G   N1     N  N N 144 
G   C2     C  N N 145 
G   N2     N  N N 146 
G   N3     N  N N 147 
G   C4     C  Y N 148 
G   HOP3   H  N N 149 
G   HOP2   H  N N 150 
G   "H5'"  H  N N 151 
G   "H5''" H  N N 152 
G   "H4'"  H  N N 153 
G   "H3'"  H  N N 154 
G   "HO3'" H  N N 155 
G   "H2'"  H  N N 156 
G   "HO2'" H  N N 157 
G   "H1'"  H  N N 158 
G   H8     H  N N 159 
G   H1     H  N N 160 
G   H21    H  N N 161 
G   H22    H  N N 162 
GLN N      N  N N 163 
GLN CA     C  N S 164 
GLN C      C  N N 165 
GLN O      O  N N 166 
GLN CB     C  N N 167 
GLN CG     C  N N 168 
GLN CD     C  N N 169 
GLN OE1    O  N N 170 
GLN NE2    N  N N 171 
GLN OXT    O  N N 172 
GLN H      H  N N 173 
GLN H2     H  N N 174 
GLN HA     H  N N 175 
GLN HB2    H  N N 176 
GLN HB3    H  N N 177 
GLN HG2    H  N N 178 
GLN HG3    H  N N 179 
GLN HE21   H  N N 180 
GLN HE22   H  N N 181 
GLN HXT    H  N N 182 
GLU N      N  N N 183 
GLU CA     C  N S 184 
GLU C      C  N N 185 
GLU O      O  N N 186 
GLU CB     C  N N 187 
GLU CG     C  N N 188 
GLU CD     C  N N 189 
GLU OE1    O  N N 190 
GLU OE2    O  N N 191 
GLU OXT    O  N N 192 
GLU H      H  N N 193 
GLU H2     H  N N 194 
GLU HA     H  N N 195 
GLU HB2    H  N N 196 
GLU HB3    H  N N 197 
GLU HG2    H  N N 198 
GLU HG3    H  N N 199 
GLU HE2    H  N N 200 
GLU HXT    H  N N 201 
GLY N      N  N N 202 
GLY CA     C  N N 203 
GLY C      C  N N 204 
GLY O      O  N N 205 
GLY OXT    O  N N 206 
GLY H      H  N N 207 
GLY H2     H  N N 208 
GLY HA2    H  N N 209 
GLY HA3    H  N N 210 
GLY HXT    H  N N 211 
HOH O      O  N N 212 
HOH H1     H  N N 213 
HOH H2     H  N N 214 
LYS N      N  N N 215 
LYS CA     C  N S 216 
LYS C      C  N N 217 
LYS O      O  N N 218 
LYS CB     C  N N 219 
LYS CG     C  N N 220 
LYS CD     C  N N 221 
LYS CE     C  N N 222 
LYS NZ     N  N N 223 
LYS OXT    O  N N 224 
LYS H      H  N N 225 
LYS H2     H  N N 226 
LYS HA     H  N N 227 
LYS HB2    H  N N 228 
LYS HB3    H  N N 229 
LYS HG2    H  N N 230 
LYS HG3    H  N N 231 
LYS HD2    H  N N 232 
LYS HD3    H  N N 233 
LYS HE2    H  N N 234 
LYS HE3    H  N N 235 
LYS HZ1    H  N N 236 
LYS HZ2    H  N N 237 
LYS HZ3    H  N N 238 
LYS HXT    H  N N 239 
MET N      N  N N 240 
MET CA     C  N S 241 
MET C      C  N N 242 
MET O      O  N N 243 
MET CB     C  N N 244 
MET CG     C  N N 245 
MET SD     S  N N 246 
MET CE     C  N N 247 
MET OXT    O  N N 248 
MET H      H  N N 249 
MET H2     H  N N 250 
MET HA     H  N N 251 
MET HB2    H  N N 252 
MET HB3    H  N N 253 
MET HG2    H  N N 254 
MET HG3    H  N N 255 
MET HE1    H  N N 256 
MET HE2    H  N N 257 
MET HE3    H  N N 258 
MET HXT    H  N N 259 
PRO N      N  N N 260 
PRO CA     C  N S 261 
PRO C      C  N N 262 
PRO O      O  N N 263 
PRO CB     C  N N 264 
PRO CG     C  N N 265 
PRO CD     C  N N 266 
PRO OXT    O  N N 267 
PRO H      H  N N 268 
PRO HA     H  N N 269 
PRO HB2    H  N N 270 
PRO HB3    H  N N 271 
PRO HG2    H  N N 272 
PRO HG3    H  N N 273 
PRO HD2    H  N N 274 
PRO HD3    H  N N 275 
PRO HXT    H  N N 276 
SER N      N  N N 277 
SER CA     C  N S 278 
SER C      C  N N 279 
SER O      O  N N 280 
SER CB     C  N N 281 
SER OG     O  N N 282 
SER OXT    O  N N 283 
SER H      H  N N 284 
SER H2     H  N N 285 
SER HA     H  N N 286 
SER HB2    H  N N 287 
SER HB3    H  N N 288 
SER HG     H  N N 289 
SER HXT    H  N N 290 
THR N      N  N N 291 
THR CA     C  N S 292 
THR C      C  N N 293 
THR O      O  N N 294 
THR CB     C  N R 295 
THR OG1    O  N N 296 
THR CG2    C  N N 297 
THR OXT    O  N N 298 
THR H      H  N N 299 
THR H2     H  N N 300 
THR HA     H  N N 301 
THR HB     H  N N 302 
THR HG1    H  N N 303 
THR HG21   H  N N 304 
THR HG22   H  N N 305 
THR HG23   H  N N 306 
THR HXT    H  N N 307 
TRP N      N  N N 308 
TRP CA     C  N S 309 
TRP C      C  N N 310 
TRP O      O  N N 311 
TRP CB     C  N N 312 
TRP CG     C  Y N 313 
TRP CD1    C  Y N 314 
TRP CD2    C  Y N 315 
TRP NE1    N  Y N 316 
TRP CE2    C  Y N 317 
TRP CE3    C  Y N 318 
TRP CZ2    C  Y N 319 
TRP CZ3    C  Y N 320 
TRP CH2    C  Y N 321 
TRP OXT    O  N N 322 
TRP H      H  N N 323 
TRP H2     H  N N 324 
TRP HA     H  N N 325 
TRP HB2    H  N N 326 
TRP HB3    H  N N 327 
TRP HD1    H  N N 328 
TRP HE1    H  N N 329 
TRP HE3    H  N N 330 
TRP HZ2    H  N N 331 
TRP HZ3    H  N N 332 
TRP HH2    H  N N 333 
TRP HXT    H  N N 334 
TYR N      N  N N 335 
TYR CA     C  N S 336 
TYR C      C  N N 337 
TYR O      O  N N 338 
TYR CB     C  N N 339 
TYR CG     C  Y N 340 
TYR CD1    C  Y N 341 
TYR CD2    C  Y N 342 
TYR CE1    C  Y N 343 
TYR CE2    C  Y N 344 
TYR CZ     C  Y N 345 
TYR OH     O  N N 346 
TYR OXT    O  N N 347 
TYR H      H  N N 348 
TYR H2     H  N N 349 
TYR HA     H  N N 350 
TYR HB2    H  N N 351 
TYR HB3    H  N N 352 
TYR HD1    H  N N 353 
TYR HD2    H  N N 354 
TYR HE1    H  N N 355 
TYR HE2    H  N N 356 
TYR HH     H  N N 357 
TYR HXT    H  N N 358 
U   OP3    O  N N 359 
U   P      P  N N 360 
U   OP1    O  N N 361 
U   OP2    O  N N 362 
U   "O5'"  O  N N 363 
U   "C5'"  C  N N 364 
U   "C4'"  C  N R 365 
U   "O4'"  O  N N 366 
U   "C3'"  C  N S 367 
U   "O3'"  O  N N 368 
U   "C2'"  C  N R 369 
U   "O2'"  O  N N 370 
U   "C1'"  C  N R 371 
U   N1     N  N N 372 
U   C2     C  N N 373 
U   O2     O  N N 374 
U   N3     N  N N 375 
U   C4     C  N N 376 
U   O4     O  N N 377 
U   C5     C  N N 378 
U   C6     C  N N 379 
U   HOP3   H  N N 380 
U   HOP2   H  N N 381 
U   "H5'"  H  N N 382 
U   "H5''" H  N N 383 
U   "H4'"  H  N N 384 
U   "H3'"  H  N N 385 
U   "HO3'" H  N N 386 
U   "H2'"  H  N N 387 
U   "HO2'" H  N N 388 
U   "H1'"  H  N N 389 
U   H3     H  N N 390 
U   H5     H  N N 391 
U   H6     H  N N 392 
VAL N      N  N N 393 
VAL CA     C  N S 394 
VAL C      C  N N 395 
VAL O      O  N N 396 
VAL CB     C  N N 397 
VAL CG1    C  N N 398 
VAL CG2    C  N N 399 
VAL OXT    O  N N 400 
VAL H      H  N N 401 
VAL H2     H  N N 402 
VAL HA     H  N N 403 
VAL HB     H  N N 404 
VAL HG11   H  N N 405 
VAL HG12   H  N N 406 
VAL HG13   H  N N 407 
VAL HG21   H  N N 408 
VAL HG22   H  N N 409 
VAL HG23   H  N N 410 
VAL HXT    H  N N 411 
ZN  ZN     ZN N N 412 
# 
loop_
_chem_comp_bond.comp_id 
_chem_comp_bond.atom_id_1 
_chem_comp_bond.atom_id_2 
_chem_comp_bond.value_order 
_chem_comp_bond.pdbx_aromatic_flag 
_chem_comp_bond.pdbx_stereo_config 
_chem_comp_bond.pdbx_ordinal 
A   OP3   P      sing N N 1   
A   OP3   HOP3   sing N N 2   
A   P     OP1    doub N N 3   
A   P     OP2    sing N N 4   
A   P     "O5'"  sing N N 5   
A   OP2   HOP2   sing N N 6   
A   "O5'" "C5'"  sing N N 7   
A   "C5'" "C4'"  sing N N 8   
A   "C5'" "H5'"  sing N N 9   
A   "C5'" "H5''" sing N N 10  
A   "C4'" "O4'"  sing N N 11  
A   "C4'" "C3'"  sing N N 12  
A   "C4'" "H4'"  sing N N 13  
A   "O4'" "C1'"  sing N N 14  
A   "C3'" "O3'"  sing N N 15  
A   "C3'" "C2'"  sing N N 16  
A   "C3'" "H3'"  sing N N 17  
A   "O3'" "HO3'" sing N N 18  
A   "C2'" "O2'"  sing N N 19  
A   "C2'" "C1'"  sing N N 20  
A   "C2'" "H2'"  sing N N 21  
A   "O2'" "HO2'" sing N N 22  
A   "C1'" N9     sing N N 23  
A   "C1'" "H1'"  sing N N 24  
A   N9    C8     sing Y N 25  
A   N9    C4     sing Y N 26  
A   C8    N7     doub Y N 27  
A   C8    H8     sing N N 28  
A   N7    C5     sing Y N 29  
A   C5    C6     sing Y N 30  
A   C5    C4     doub Y N 31  
A   C6    N6     sing N N 32  
A   C6    N1     doub Y N 33  
A   N6    H61    sing N N 34  
A   N6    H62    sing N N 35  
A   N1    C2     sing Y N 36  
A   C2    N3     doub Y N 37  
A   C2    H2     sing N N 38  
A   N3    C4     sing Y N 39  
ALA N     CA     sing N N 40  
ALA N     H      sing N N 41  
ALA N     H2     sing N N 42  
ALA CA    C      sing N N 43  
ALA CA    CB     sing N N 44  
ALA CA    HA     sing N N 45  
ALA C     O      doub N N 46  
ALA C     OXT    sing N N 47  
ALA CB    HB1    sing N N 48  
ALA CB    HB2    sing N N 49  
ALA CB    HB3    sing N N 50  
ALA OXT   HXT    sing N N 51  
ARG N     CA     sing N N 52  
ARG N     H      sing N N 53  
ARG N     H2     sing N N 54  
ARG CA    C      sing N N 55  
ARG CA    CB     sing N N 56  
ARG CA    HA     sing N N 57  
ARG C     O      doub N N 58  
ARG C     OXT    sing N N 59  
ARG CB    CG     sing N N 60  
ARG CB    HB2    sing N N 61  
ARG CB    HB3    sing N N 62  
ARG CG    CD     sing N N 63  
ARG CG    HG2    sing N N 64  
ARG CG    HG3    sing N N 65  
ARG CD    NE     sing N N 66  
ARG CD    HD2    sing N N 67  
ARG CD    HD3    sing N N 68  
ARG NE    CZ     sing N N 69  
ARG NE    HE     sing N N 70  
ARG CZ    NH1    sing N N 71  
ARG CZ    NH2    doub N N 72  
ARG NH1   HH11   sing N N 73  
ARG NH1   HH12   sing N N 74  
ARG NH2   HH21   sing N N 75  
ARG NH2   HH22   sing N N 76  
ARG OXT   HXT    sing N N 77  
ASN N     CA     sing N N 78  
ASN N     H      sing N N 79  
ASN N     H2     sing N N 80  
ASN CA    C      sing N N 81  
ASN CA    CB     sing N N 82  
ASN CA    HA     sing N N 83  
ASN C     O      doub N N 84  
ASN C     OXT    sing N N 85  
ASN CB    CG     sing N N 86  
ASN CB    HB2    sing N N 87  
ASN CB    HB3    sing N N 88  
ASN CG    OD1    doub N N 89  
ASN CG    ND2    sing N N 90  
ASN ND2   HD21   sing N N 91  
ASN ND2   HD22   sing N N 92  
ASN OXT   HXT    sing N N 93  
ASP N     CA     sing N N 94  
ASP N     H      sing N N 95  
ASP N     H2     sing N N 96  
ASP CA    C      sing N N 97  
ASP CA    CB     sing N N 98  
ASP CA    HA     sing N N 99  
ASP C     O      doub N N 100 
ASP C     OXT    sing N N 101 
ASP CB    CG     sing N N 102 
ASP CB    HB2    sing N N 103 
ASP CB    HB3    sing N N 104 
ASP CG    OD1    doub N N 105 
ASP CG    OD2    sing N N 106 
ASP OD2   HD2    sing N N 107 
ASP OXT   HXT    sing N N 108 
CYS N     CA     sing N N 109 
CYS N     H      sing N N 110 
CYS N     H2     sing N N 111 
CYS CA    C      sing N N 112 
CYS CA    CB     sing N N 113 
CYS CA    HA     sing N N 114 
CYS C     O      doub N N 115 
CYS C     OXT    sing N N 116 
CYS CB    SG     sing N N 117 
CYS CB    HB2    sing N N 118 
CYS CB    HB3    sing N N 119 
CYS SG    HG     sing N N 120 
CYS OXT   HXT    sing N N 121 
G   OP3   P      sing N N 122 
G   OP3   HOP3   sing N N 123 
G   P     OP1    doub N N 124 
G   P     OP2    sing N N 125 
G   P     "O5'"  sing N N 126 
G   OP2   HOP2   sing N N 127 
G   "O5'" "C5'"  sing N N 128 
G   "C5'" "C4'"  sing N N 129 
G   "C5'" "H5'"  sing N N 130 
G   "C5'" "H5''" sing N N 131 
G   "C4'" "O4'"  sing N N 132 
G   "C4'" "C3'"  sing N N 133 
G   "C4'" "H4'"  sing N N 134 
G   "O4'" "C1'"  sing N N 135 
G   "C3'" "O3'"  sing N N 136 
G   "C3'" "C2'"  sing N N 137 
G   "C3'" "H3'"  sing N N 138 
G   "O3'" "HO3'" sing N N 139 
G   "C2'" "O2'"  sing N N 140 
G   "C2'" "C1'"  sing N N 141 
G   "C2'" "H2'"  sing N N 142 
G   "O2'" "HO2'" sing N N 143 
G   "C1'" N9     sing N N 144 
G   "C1'" "H1'"  sing N N 145 
G   N9    C8     sing Y N 146 
G   N9    C4     sing Y N 147 
G   C8    N7     doub Y N 148 
G   C8    H8     sing N N 149 
G   N7    C5     sing Y N 150 
G   C5    C6     sing N N 151 
G   C5    C4     doub Y N 152 
G   C6    O6     doub N N 153 
G   C6    N1     sing N N 154 
G   N1    C2     sing N N 155 
G   N1    H1     sing N N 156 
G   C2    N2     sing N N 157 
G   C2    N3     doub N N 158 
G   N2    H21    sing N N 159 
G   N2    H22    sing N N 160 
G   N3    C4     sing N N 161 
GLN N     CA     sing N N 162 
GLN N     H      sing N N 163 
GLN N     H2     sing N N 164 
GLN CA    C      sing N N 165 
GLN CA    CB     sing N N 166 
GLN CA    HA     sing N N 167 
GLN C     O      doub N N 168 
GLN C     OXT    sing N N 169 
GLN CB    CG     sing N N 170 
GLN CB    HB2    sing N N 171 
GLN CB    HB3    sing N N 172 
GLN CG    CD     sing N N 173 
GLN CG    HG2    sing N N 174 
GLN CG    HG3    sing N N 175 
GLN CD    OE1    doub N N 176 
GLN CD    NE2    sing N N 177 
GLN NE2   HE21   sing N N 178 
GLN NE2   HE22   sing N N 179 
GLN OXT   HXT    sing N N 180 
GLU N     CA     sing N N 181 
GLU N     H      sing N N 182 
GLU N     H2     sing N N 183 
GLU CA    C      sing N N 184 
GLU CA    CB     sing N N 185 
GLU CA    HA     sing N N 186 
GLU C     O      doub N N 187 
GLU C     OXT    sing N N 188 
GLU CB    CG     sing N N 189 
GLU CB    HB2    sing N N 190 
GLU CB    HB3    sing N N 191 
GLU CG    CD     sing N N 192 
GLU CG    HG2    sing N N 193 
GLU CG    HG3    sing N N 194 
GLU CD    OE1    doub N N 195 
GLU CD    OE2    sing N N 196 
GLU OE2   HE2    sing N N 197 
GLU OXT   HXT    sing N N 198 
GLY N     CA     sing N N 199 
GLY N     H      sing N N 200 
GLY N     H2     sing N N 201 
GLY CA    C      sing N N 202 
GLY CA    HA2    sing N N 203 
GLY CA    HA3    sing N N 204 
GLY C     O      doub N N 205 
GLY C     OXT    sing N N 206 
GLY OXT   HXT    sing N N 207 
HOH O     H1     sing N N 208 
HOH O     H2     sing N N 209 
LYS N     CA     sing N N 210 
LYS N     H      sing N N 211 
LYS N     H2     sing N N 212 
LYS CA    C      sing N N 213 
LYS CA    CB     sing N N 214 
LYS CA    HA     sing N N 215 
LYS C     O      doub N N 216 
LYS C     OXT    sing N N 217 
LYS CB    CG     sing N N 218 
LYS CB    HB2    sing N N 219 
LYS CB    HB3    sing N N 220 
LYS CG    CD     sing N N 221 
LYS CG    HG2    sing N N 222 
LYS CG    HG3    sing N N 223 
LYS CD    CE     sing N N 224 
LYS CD    HD2    sing N N 225 
LYS CD    HD3    sing N N 226 
LYS CE    NZ     sing N N 227 
LYS CE    HE2    sing N N 228 
LYS CE    HE3    sing N N 229 
LYS NZ    HZ1    sing N N 230 
LYS NZ    HZ2    sing N N 231 
LYS NZ    HZ3    sing N N 232 
LYS OXT   HXT    sing N N 233 
MET N     CA     sing N N 234 
MET N     H      sing N N 235 
MET N     H2     sing N N 236 
MET CA    C      sing N N 237 
MET CA    CB     sing N N 238 
MET CA    HA     sing N N 239 
MET C     O      doub N N 240 
MET C     OXT    sing N N 241 
MET CB    CG     sing N N 242 
MET CB    HB2    sing N N 243 
MET CB    HB3    sing N N 244 
MET CG    SD     sing N N 245 
MET CG    HG2    sing N N 246 
MET CG    HG3    sing N N 247 
MET SD    CE     sing N N 248 
MET CE    HE1    sing N N 249 
MET CE    HE2    sing N N 250 
MET CE    HE3    sing N N 251 
MET OXT   HXT    sing N N 252 
PRO N     CA     sing N N 253 
PRO N     CD     sing N N 254 
PRO N     H      sing N N 255 
PRO CA    C      sing N N 256 
PRO CA    CB     sing N N 257 
PRO CA    HA     sing N N 258 
PRO C     O      doub N N 259 
PRO C     OXT    sing N N 260 
PRO CB    CG     sing N N 261 
PRO CB    HB2    sing N N 262 
PRO CB    HB3    sing N N 263 
PRO CG    CD     sing N N 264 
PRO CG    HG2    sing N N 265 
PRO CG    HG3    sing N N 266 
PRO CD    HD2    sing N N 267 
PRO CD    HD3    sing N N 268 
PRO OXT   HXT    sing N N 269 
SER N     CA     sing N N 270 
SER N     H      sing N N 271 
SER N     H2     sing N N 272 
SER CA    C      sing N N 273 
SER CA    CB     sing N N 274 
SER CA    HA     sing N N 275 
SER C     O      doub N N 276 
SER C     OXT    sing N N 277 
SER CB    OG     sing N N 278 
SER CB    HB2    sing N N 279 
SER CB    HB3    sing N N 280 
SER OG    HG     sing N N 281 
SER OXT   HXT    sing N N 282 
THR N     CA     sing N N 283 
THR N     H      sing N N 284 
THR N     H2     sing N N 285 
THR CA    C      sing N N 286 
THR CA    CB     sing N N 287 
THR CA    HA     sing N N 288 
THR C     O      doub N N 289 
THR C     OXT    sing N N 290 
THR CB    OG1    sing N N 291 
THR CB    CG2    sing N N 292 
THR CB    HB     sing N N 293 
THR OG1   HG1    sing N N 294 
THR CG2   HG21   sing N N 295 
THR CG2   HG22   sing N N 296 
THR CG2   HG23   sing N N 297 
THR OXT   HXT    sing N N 298 
TRP N     CA     sing N N 299 
TRP N     H      sing N N 300 
TRP N     H2     sing N N 301 
TRP CA    C      sing N N 302 
TRP CA    CB     sing N N 303 
TRP CA    HA     sing N N 304 
TRP C     O      doub N N 305 
TRP C     OXT    sing N N 306 
TRP CB    CG     sing N N 307 
TRP CB    HB2    sing N N 308 
TRP CB    HB3    sing N N 309 
TRP CG    CD1    doub Y N 310 
TRP CG    CD2    sing Y N 311 
TRP CD1   NE1    sing Y N 312 
TRP CD1   HD1    sing N N 313 
TRP CD2   CE2    doub Y N 314 
TRP CD2   CE3    sing Y N 315 
TRP NE1   CE2    sing Y N 316 
TRP NE1   HE1    sing N N 317 
TRP CE2   CZ2    sing Y N 318 
TRP CE3   CZ3    doub Y N 319 
TRP CE3   HE3    sing N N 320 
TRP CZ2   CH2    doub Y N 321 
TRP CZ2   HZ2    sing N N 322 
TRP CZ3   CH2    sing Y N 323 
TRP CZ3   HZ3    sing N N 324 
TRP CH2   HH2    sing N N 325 
TRP OXT   HXT    sing N N 326 
TYR N     CA     sing N N 327 
TYR N     H      sing N N 328 
TYR N     H2     sing N N 329 
TYR CA    C      sing N N 330 
TYR CA    CB     sing N N 331 
TYR CA    HA     sing N N 332 
TYR C     O      doub N N 333 
TYR C     OXT    sing N N 334 
TYR CB    CG     sing N N 335 
TYR CB    HB2    sing N N 336 
TYR CB    HB3    sing N N 337 
TYR CG    CD1    doub Y N 338 
TYR CG    CD2    sing Y N 339 
TYR CD1   CE1    sing Y N 340 
TYR CD1   HD1    sing N N 341 
TYR CD2   CE2    doub Y N 342 
TYR CD2   HD2    sing N N 343 
TYR CE1   CZ     doub Y N 344 
TYR CE1   HE1    sing N N 345 
TYR CE2   CZ     sing Y N 346 
TYR CE2   HE2    sing N N 347 
TYR CZ    OH     sing N N 348 
TYR OH    HH     sing N N 349 
TYR OXT   HXT    sing N N 350 
U   OP3   P      sing N N 351 
U   OP3   HOP3   sing N N 352 
U   P     OP1    doub N N 353 
U   P     OP2    sing N N 354 
U   P     "O5'"  sing N N 355 
U   OP2   HOP2   sing N N 356 
U   "O5'" "C5'"  sing N N 357 
U   "C5'" "C4'"  sing N N 358 
U   "C5'" "H5'"  sing N N 359 
U   "C5'" "H5''" sing N N 360 
U   "C4'" "O4'"  sing N N 361 
U   "C4'" "C3'"  sing N N 362 
U   "C4'" "H4'"  sing N N 363 
U   "O4'" "C1'"  sing N N 364 
U   "C3'" "O3'"  sing N N 365 
U   "C3'" "C2'"  sing N N 366 
U   "C3'" "H3'"  sing N N 367 
U   "O3'" "HO3'" sing N N 368 
U   "C2'" "O2'"  sing N N 369 
U   "C2'" "C1'"  sing N N 370 
U   "C2'" "H2'"  sing N N 371 
U   "O2'" "HO2'" sing N N 372 
U   "C1'" N1     sing N N 373 
U   "C1'" "H1'"  sing N N 374 
U   N1    C2     sing N N 375 
U   N1    C6     sing N N 376 
U   C2    O2     doub N N 377 
U   C2    N3     sing N N 378 
U   N3    C4     sing N N 379 
U   N3    H3     sing N N 380 
U   C4    O4     doub N N 381 
U   C4    C5     sing N N 382 
U   C5    C6     doub N N 383 
U   C5    H5     sing N N 384 
U   C6    H6     sing N N 385 
VAL N     CA     sing N N 386 
VAL N     H      sing N N 387 
VAL N     H2     sing N N 388 
VAL CA    C      sing N N 389 
VAL CA    CB     sing N N 390 
VAL CA    HA     sing N N 391 
VAL C     O      doub N N 392 
VAL C     OXT    sing N N 393 
VAL CB    CG1    sing N N 394 
VAL CB    CG2    sing N N 395 
VAL CB    HB     sing N N 396 
VAL CG1   HG11   sing N N 397 
VAL CG1   HG12   sing N N 398 
VAL CG1   HG13   sing N N 399 
VAL CG2   HG21   sing N N 400 
VAL CG2   HG22   sing N N 401 
VAL CG2   HG23   sing N N 402 
VAL OXT   HXT    sing N N 403 
# 
_ndb_struct_conf_na.entry_id   3G9Y 
_ndb_struct_conf_na.feature    'double helix' 
# 
_ndb_struct_na_base_pair.model_number      1 
_ndb_struct_na_base_pair.i_label_asym_id   B 
_ndb_struct_na_base_pair.i_label_comp_id   G 
_ndb_struct_na_base_pair.i_label_seq_id    3 
_ndb_struct_na_base_pair.i_symmetry        1_555 
_ndb_struct_na_base_pair.j_label_asym_id   B 
_ndb_struct_na_base_pair.j_label_comp_id   A 
_ndb_struct_na_base_pair.j_label_seq_id    5 
_ndb_struct_na_base_pair.j_symmetry        1_555 
_ndb_struct_na_base_pair.shear             4.369 
_ndb_struct_na_base_pair.stretch           -3.190 
_ndb_struct_na_base_pair.stagger           -0.459 
_ndb_struct_na_base_pair.buckle            32.163 
_ndb_struct_na_base_pair.propeller         -18.856 
_ndb_struct_na_base_pair.opening           -56.415 
_ndb_struct_na_base_pair.pair_number       1 
_ndb_struct_na_base_pair.pair_name         C_G3:A5_C 
_ndb_struct_na_base_pair.i_auth_asym_id    C 
_ndb_struct_na_base_pair.i_auth_seq_id     3 
_ndb_struct_na_base_pair.i_PDB_ins_code    ? 
_ndb_struct_na_base_pair.j_auth_asym_id    C 
_ndb_struct_na_base_pair.j_auth_seq_id     5 
_ndb_struct_na_base_pair.j_PDB_ins_code    ? 
_ndb_struct_na_base_pair.hbond_type_28     10 
_ndb_struct_na_base_pair.hbond_type_12     5 
# 
_atom_sites.entry_id                    3G9Y 
_atom_sites.fract_transf_matrix[1][1]   0.01863958 
_atom_sites.fract_transf_matrix[1][2]   -0.00626982 
_atom_sites.fract_transf_matrix[1][3]   0.00786336 
_atom_sites.fract_transf_matrix[2][1]   0.01522774 
_atom_sites.fract_transf_matrix[2][2]   0.01422918 
_atom_sites.fract_transf_matrix[2][3]   0.00377342 
_atom_sites.fract_transf_matrix[3][1]   -0.00725848 
_atom_sites.fract_transf_matrix[3][2]   0.00264567 
_atom_sites.fract_transf_matrix[3][3]   0.01931527 
_atom_sites.fract_transf_vector[1]      0.376377 
_atom_sites.fract_transf_vector[2]      1.058787 
_atom_sites.fract_transf_vector[3]      0.309589 
# 
loop_
_atom_type.symbol 
C  
N  
O  
P  
S  
ZN 
# 
loop_
_atom_site.group_PDB 
_atom_site.id 
_atom_site.type_symbol 
_atom_site.label_atom_id 
_atom_site.label_alt_id 
_atom_site.label_comp_id 
_atom_site.label_asym_id 
_atom_site.label_entity_id 
_atom_site.label_seq_id 
_atom_site.pdbx_PDB_ins_code 
_atom_site.Cartn_x 
_atom_site.Cartn_y 
_atom_site.Cartn_z 
_atom_site.occupancy 
_atom_site.B_iso_or_equiv 
_atom_site.pdbx_formal_charge 
_atom_site.auth_seq_id 
_atom_site.auth_comp_id 
_atom_site.auth_asym_id 
_atom_site.auth_atom_id 
_atom_site.pdbx_PDB_model_num 
ATOM   1   N  N     . ASN A 1 5  ? 4.158   -6.049  -10.012 1.00 29.22 ? 67 ASN A N     1 
ATOM   2   C  CA    . ASN A 1 5  ? 4.330   -4.686  -9.422  1.00 29.13 ? 67 ASN A CA    1 
ATOM   3   C  C     . ASN A 1 5  ? 3.460   -4.439  -8.187  1.00 28.19 ? 67 ASN A C     1 
ATOM   4   O  O     . ASN A 1 5  ? 3.310   -3.297  -7.755  1.00 28.59 ? 67 ASN A O     1 
ATOM   5   C  CB    . ASN A 1 5  ? 4.054   -3.606  -10.484 1.00 29.73 ? 67 ASN A CB    1 
ATOM   6   C  CG    . ASN A 1 5  ? 5.193   -3.448  -11.474 1.00 30.84 ? 67 ASN A CG    1 
ATOM   7   O  OD1   . ASN A 1 5  ? 5.006   -3.606  -12.683 1.00 33.21 ? 67 ASN A OD1   1 
ATOM   8   N  ND2   . ASN A 1 5  ? 6.385   -3.125  -10.969 1.00 32.10 ? 67 ASN A ND2   1 
ATOM   9   N  N     . ASP A 1 6  ? 2.887   -5.497  -7.612  1.00 27.21 ? 68 ASP A N     1 
ATOM   10  C  CA    . ASP A 1 6  ? 2.182   -5.372  -6.337  1.00 26.46 ? 68 ASP A CA    1 
ATOM   11  C  C     . ASP A 1 6  ? 3.199   -4.911  -5.307  1.00 25.57 ? 68 ASP A C     1 
ATOM   12  O  O     . ASP A 1 6  ? 4.386   -5.222  -5.410  1.00 24.58 ? 68 ASP A O     1 
ATOM   13  C  CB    . ASP A 1 6  ? 1.581   -6.695  -5.865  1.00 26.82 ? 68 ASP A CB    1 
ATOM   14  C  CG    . ASP A 1 6  ? 0.352   -7.113  -6.654  1.00 27.84 ? 68 ASP A CG    1 
ATOM   15  O  OD1   . ASP A 1 6  ? -0.016  -6.442  -7.641  1.00 28.51 ? 68 ASP A OD1   1 
ATOM   16  O  OD2   . ASP A 1 6  ? -0.233  -8.150  -6.278  1.00 33.12 ? 68 ASP A OD2   1 
ATOM   17  N  N     . TRP A 1 7  ? 2.729   -4.182  -4.306  1.00 24.01 ? 69 TRP A N     1 
ATOM   18  C  CA    . TRP A 1 7  ? 3.617   -3.528  -3.355  1.00 23.39 ? 69 TRP A CA    1 
ATOM   19  C  C     . TRP A 1 7  ? 3.128   -3.654  -1.926  1.00 23.25 ? 69 TRP A C     1 
ATOM   20  O  O     . TRP A 1 7  ? 1.937   -3.602  -1.649  1.00 23.07 ? 69 TRP A O     1 
ATOM   21  C  CB    . TRP A 1 7  ? 3.794   -2.049  -3.710  1.00 23.28 ? 69 TRP A CB    1 
ATOM   22  C  CG    . TRP A 1 7  ? 2.535   -1.246  -3.741  1.00 23.05 ? 69 TRP A CG    1 
ATOM   23  C  CD1   . TRP A 1 7  ? 1.683   -1.109  -4.793  1.00 24.92 ? 69 TRP A CD1   1 
ATOM   24  C  CD2   . TRP A 1 7  ? 2.007   -0.433  -2.690  1.00 23.23 ? 69 TRP A CD2   1 
ATOM   25  N  NE1   . TRP A 1 7  ? 0.654   -0.276  -4.457  1.00 24.15 ? 69 TRP A NE1   1 
ATOM   26  C  CE2   . TRP A 1 7  ? 0.825   0.156   -3.173  1.00 23.11 ? 69 TRP A CE2   1 
ATOM   27  C  CE3   . TRP A 1 7  ? 2.414   -0.151  -1.381  1.00 22.71 ? 69 TRP A CE3   1 
ATOM   28  C  CZ2   . TRP A 1 7  ? 0.064   1.022   -2.403  1.00 23.18 ? 69 TRP A CZ2   1 
ATOM   29  C  CZ3   . TRP A 1 7  ? 1.657   0.701   -0.619  1.00 23.43 ? 69 TRP A CZ3   1 
ATOM   30  C  CH2   . TRP A 1 7  ? 0.482   1.273   -1.132  1.00 22.21 ? 69 TRP A CH2   1 
ATOM   31  N  N     . GLN A 1 8  ? 4.077   -3.809  -1.011  1.00 23.80 ? 70 GLN A N     1 
ATOM   32  C  CA    . GLN A 1 8  ? 3.760   -4.016  0.381   1.00 23.61 ? 70 GLN A CA    1 
ATOM   33  C  C     . GLN A 1 8  ? 3.790   -2.703  1.147   1.00 23.60 ? 70 GLN A C     1 
ATOM   34  O  O     . GLN A 1 8  ? 4.745   -1.924  1.068   1.00 24.27 ? 70 GLN A O     1 
ATOM   35  C  CB    . GLN A 1 8  ? 4.736   -5.008  1.007   1.00 23.36 ? 70 GLN A CB    1 
ATOM   36  C  CG    . GLN A 1 8  ? 4.333   -5.401  2.402   1.00 23.60 ? 70 GLN A CG    1 
ATOM   37  C  CD    . GLN A 1 8  ? 5.087   -6.605  2.903   1.00 22.98 ? 70 GLN A CD    1 
ATOM   38  O  OE1   . GLN A 1 8  ? 6.267   -6.809  2.581   1.00 22.74 ? 70 GLN A OE1   1 
ATOM   39  N  NE2   . GLN A 1 8  ? 4.419   -7.411  3.710   1.00 26.15 ? 70 GLN A NE2   1 
ATOM   40  N  N     . CYS A 1 9  ? 2.719   -2.476  1.900   1.00 23.79 ? 71 CYS A N     1 
ATOM   41  C  CA    . CYS A 1 9  ? 2.573   -1.285  2.715   1.00 23.89 ? 71 CYS A CA    1 
ATOM   42  C  C     . CYS A 1 9  ? 3.500   -1.356  3.933   1.00 24.18 ? 71 CYS A C     1 
ATOM   43  O  O     . CYS A 1 9  ? 3.445   -2.327  4.682   1.00 24.11 ? 71 CYS A O     1 
ATOM   44  C  CB    . CYS A 1 9  ? 1.128   -1.190  3.159   1.00 24.62 ? 71 CYS A CB    1 
ATOM   45  S  SG    . CYS A 1 9  ? 0.781   0.145   4.273   1.00 23.52 ? 71 CYS A SG    1 
ATOM   46  N  N     . LYS A 1 10 ? 4.306   -0.312  4.141   1.00 24.31 ? 72 LYS A N     1 
ATOM   47  C  CA    . LYS A 1 10 ? 5.225   -0.232  5.292   1.00 24.32 ? 72 LYS A CA    1 
ATOM   48  C  C     . LYS A 1 10 ? 4.466   -0.172  6.616   1.00 24.43 ? 72 LYS A C     1 
ATOM   49  O  O     . LYS A 1 10 ? 4.977   -0.596  7.653   1.00 24.95 ? 72 LYS A O     1 
ATOM   50  C  CB    . LYS A 1 10 ? 6.158   0.996   5.167   1.00 24.32 ? 72 LYS A CB    1 
ATOM   51  C  CG    . LYS A 1 10 ? 7.171   1.177   6.321   1.00 25.28 ? 72 LYS A CG    1 
ATOM   52  C  CD    . LYS A 1 10 ? 7.961   2.485   6.215   1.00 26.38 ? 72 LYS A CD    1 
ATOM   53  N  N     . THR A 1 11 ? 3.247   0.362   6.581   1.00 24.34 ? 73 THR A N     1 
ATOM   54  C  CA    . THR A 1 11 ? 2.486   0.611   7.803   1.00 24.86 ? 73 THR A CA    1 
ATOM   55  C  C     . THR A 1 11 ? 1.699   -0.598  8.322   1.00 24.38 ? 73 THR A C     1 
ATOM   56  O  O     . THR A 1 11 ? 1.710   -0.858  9.521   1.00 24.85 ? 73 THR A O     1 
ATOM   57  C  CB    . THR A 1 11 ? 1.548   1.821   7.604   1.00 25.05 ? 73 THR A CB    1 
ATOM   58  O  OG1   . THR A 1 11 ? 2.338   3.005   7.494   1.00 27.07 ? 73 THR A OG1   1 
ATOM   59  C  CG2   . THR A 1 11 ? 0.581   1.976   8.774   1.00 25.66 ? 73 THR A CG2   1 
ATOM   60  N  N     . CYS A 1 12 ? 1.006   -1.323  7.447   1.00 24.28 ? 74 CYS A N     1 
ATOM   61  C  CA    . CYS A 1 12 ? 0.189   -2.465  7.878   1.00 24.44 ? 74 CYS A CA    1 
ATOM   62  C  C     . CYS A 1 12 ? 0.577   -3.803  7.240   1.00 24.33 ? 74 CYS A C     1 
ATOM   63  O  O     . CYS A 1 12 ? -0.041  -4.824  7.544   1.00 25.10 ? 74 CYS A O     1 
ATOM   64  C  CB    . CYS A 1 12 ? -1.286  -2.194  7.609   1.00 24.56 ? 74 CYS A CB    1 
ATOM   65  S  SG    . CYS A 1 12 ? -1.781  -2.334  5.890   1.00 24.25 ? 74 CYS A SG    1 
ATOM   66  N  N     . SER A 1 13 ? 1.577   -3.789  6.357   1.00 24.09 ? 75 SER A N     1 
ATOM   67  C  CA    . SER A 1 13 ? 2.088   -4.998  5.684   1.00 24.61 ? 75 SER A CA    1 
ATOM   68  C  C     . SER A 1 13 ? 1.119   -5.630  4.667   1.00 24.18 ? 75 SER A C     1 
ATOM   69  O  O     . SER A 1 13 ? 1.392   -6.689  4.119   1.00 24.20 ? 75 SER A O     1 
ATOM   70  C  CB    . SER A 1 13 ? 2.598   -6.028  6.699   1.00 25.00 ? 75 SER A CB    1 
ATOM   71  O  OG    . SER A 1 13 ? 3.590   -5.447  7.533   1.00 26.63 ? 75 SER A OG    1 
ATOM   72  N  N     . ASN A 1 14 ? 0.012   -4.965  4.365   1.00 23.54 ? 76 ASN A N     1 
ATOM   73  C  CA    . ASN A 1 14 ? -0.870  -5.442  3.306   1.00 23.22 ? 76 ASN A CA    1 
ATOM   74  C  C     . ASN A 1 14 ? -0.140  -5.427  1.976   1.00 23.12 ? 76 ASN A C     1 
ATOM   75  O  O     . ASN A 1 14 ? 0.665   -4.536  1.712   1.00 23.23 ? 76 ASN A O     1 
ATOM   76  C  CB    . ASN A 1 14 ? -2.117  -4.569  3.167   1.00 23.24 ? 76 ASN A CB    1 
ATOM   77  C  CG    . ASN A 1 14 ? -3.202  -5.224  2.335   1.00 23.71 ? 76 ASN A CG    1 
ATOM   78  O  OD1   . ASN A 1 14 ? -3.589  -6.360  2.592   1.00 24.78 ? 76 ASN A OD1   1 
ATOM   79  N  ND2   . ASN A 1 14 ? -3.713  -4.497  1.346   1.00 24.44 ? 76 ASN A ND2   1 
ATOM   80  N  N     . VAL A 1 15 ? -0.404  -6.421  1.143   1.00 22.67 ? 77 VAL A N     1 
ATOM   81  C  CA    . VAL A 1 15 ? 0.150   -6.440  -0.199  1.00 23.21 ? 77 VAL A CA    1 
ATOM   82  C  C     . VAL A 1 15 ? -0.893  -5.875  -1.153  1.00 23.37 ? 77 VAL A C     1 
ATOM   83  O  O     . VAL A 1 15 ? -1.983  -6.436  -1.316  1.00 24.64 ? 77 VAL A O     1 
ATOM   84  C  CB    . VAL A 1 15 ? 0.581   -7.842  -0.627  1.00 22.85 ? 77 VAL A CB    1 
ATOM   85  C  CG1   . VAL A 1 15 ? 1.188   -7.786  -2.020  1.00 23.98 ? 77 VAL A CG1   1 
ATOM   86  C  CG2   . VAL A 1 15 ? 1.578   -8.419  0.394   1.00 24.09 ? 77 VAL A CG2   1 
ATOM   87  N  N     . ASN A 1 16 ? -0.556  -4.739  -1.745  1.00 23.41 ? 78 ASN A N     1 
ATOM   88  C  CA    . ASN A 1 16 ? -1.468  -3.963  -2.550  1.00 23.41 ? 78 ASN A CA    1 
ATOM   89  C  C     . ASN A 1 16 ? -1.282  -4.195  -4.019  1.00 23.70 ? 78 ASN A C     1 
ATOM   90  O  O     . ASN A 1 16 ? -0.167  -4.306  -4.509  1.00 24.06 ? 78 ASN A O     1 
ATOM   91  C  CB    . ASN A 1 16 ? -1.257  -2.490  -2.227  1.00 23.87 ? 78 ASN A CB    1 
ATOM   92  C  CG    . ASN A 1 16 ? -1.694  -2.177  -0.839  1.00 23.57 ? 78 ASN A CG    1 
ATOM   93  O  OD1   . ASN A 1 16 ? -2.870  -2.366  -0.515  1.00 24.54 ? 78 ASN A OD1   1 
ATOM   94  N  ND2   . ASN A 1 16 ? -0.768  -1.771  0.014   1.00 24.59 ? 78 ASN A ND2   1 
ATOM   95  N  N     . TRP A 1 17 ? -2.402  -4.247  -4.724  1.00 24.14 ? 79 TRP A N     1 
ATOM   96  C  CA    . TRP A 1 17 ? -2.367  -4.355  -6.162  1.00 24.53 ? 79 TRP A CA    1 
ATOM   97  C  C     . TRP A 1 17 ? -1.582  -3.198  -6.747  1.00 24.18 ? 79 TRP A C     1 
ATOM   98  O  O     . TRP A 1 17 ? -1.682  -2.070  -6.275  1.00 24.12 ? 79 TRP A O     1 
ATOM   99  C  CB    . TRP A 1 17 ? -3.781  -4.363  -6.726  1.00 24.70 ? 79 TRP A CB    1 
ATOM   100 C  CG    . TRP A 1 17 ? -4.555  -5.613  -6.425  1.00 24.70 ? 79 TRP A CG    1 
ATOM   101 C  CD1   . TRP A 1 17 ? -4.054  -6.839  -6.068  1.00 25.46 ? 79 TRP A CD1   1 
ATOM   102 C  CD2   . TRP A 1 17 ? -5.964  -5.762  -6.499  1.00 24.45 ? 79 TRP A CD2   1 
ATOM   103 N  NE1   . TRP A 1 17 ? -5.080  -7.735  -5.906  1.00 26.95 ? 79 TRP A NE1   1 
ATOM   104 C  CE2   . TRP A 1 17 ? -6.264  -7.099  -6.161  1.00 24.87 ? 79 TRP A CE2   1 
ATOM   105 C  CE3   . TRP A 1 17 ? -7.007  -4.892  -6.802  1.00 23.60 ? 79 TRP A CE3   1 
ATOM   106 C  CZ2   . TRP A 1 17 ? -7.568  -7.587  -6.129  1.00 25.40 ? 79 TRP A CZ2   1 
ATOM   107 C  CZ3   . TRP A 1 17 ? -8.301  -5.375  -6.772  1.00 24.79 ? 79 TRP A CZ3   1 
ATOM   108 C  CH2   . TRP A 1 17 ? -8.571  -6.715  -6.439  1.00 25.36 ? 79 TRP A CH2   1 
ATOM   109 N  N     . ALA A 1 18 ? -0.802  -3.493  -7.781  1.00 25.11 ? 80 ALA A N     1 
ATOM   110 C  CA    . ALA A 1 18 ? 0.102   -2.507  -8.384  1.00 25.50 ? 80 ALA A CA    1 
ATOM   111 C  C     . ALA A 1 18 ? -0.592  -1.184  -8.722  1.00 25.85 ? 80 ALA A C     1 
ATOM   112 O  O     . ALA A 1 18 ? -0.015  -0.121  -8.548  1.00 26.18 ? 80 ALA A O     1 
ATOM   113 C  CB    . ALA A 1 18 ? 0.757   -3.093  -9.635  1.00 25.70 ? 80 ALA A CB    1 
ATOM   114 N  N     . ARG A 1 19 ? -1.833  -1.253  -9.191  1.00 25.88 ? 81 ARG A N     1 
ATOM   115 C  CA    . ARG A 1 19 ? -2.548  -0.054  -9.637  1.00 26.39 ? 81 ARG A CA    1 
ATOM   116 C  C     . ARG A 1 19 ? -2.960  0.904   -8.510  1.00 25.97 ? 81 ARG A C     1 
ATOM   117 O  O     . ARG A 1 19 ? -3.297  2.055   -8.777  1.00 26.37 ? 81 ARG A O     1 
ATOM   118 C  CB    . ARG A 1 19 ? -3.768  -0.432  -10.480 1.00 26.70 ? 81 ARG A CB    1 
ATOM   119 C  CG    . ARG A 1 19 ? -4.856  -1.220  -9.761  1.00 28.34 ? 81 ARG A CG    1 
ATOM   120 C  CD    . ARG A 1 19 ? -5.913  -1.663  -10.761 1.00 30.77 ? 81 ARG A CD    1 
ATOM   121 N  NE    . ARG A 1 19 ? -6.913  -2.567  -10.193 1.00 33.21 ? 81 ARG A NE    1 
ATOM   122 C  CZ    . ARG A 1 19 ? -8.003  -2.186  -9.528  1.00 36.28 ? 81 ARG A CZ    1 
ATOM   123 N  NH1   . ARG A 1 19 ? -8.266  -0.896  -9.311  1.00 37.89 ? 81 ARG A NH1   1 
ATOM   124 N  NH2   . ARG A 1 19 ? -8.842  -3.109  -9.066  1.00 37.13 ? 81 ARG A NH2   1 
ATOM   125 N  N     . ARG A 1 20 ? -2.936  0.434   -7.265  1.00 25.29 ? 82 ARG A N     1 
ATOM   126 C  CA    . ARG A 1 20 ? -3.280  1.279   -6.125  1.00 24.76 ? 82 ARG A CA    1 
ATOM   127 C  C     . ARG A 1 20 ? -2.138  2.230   -5.782  1.00 25.01 ? 82 ARG A C     1 
ATOM   128 O  O     . ARG A 1 20 ? -0.975  1.819   -5.731  1.00 26.22 ? 82 ARG A O     1 
ATOM   129 C  CB    . ARG A 1 20 ? -3.612  0.427   -4.899  1.00 24.53 ? 82 ARG A CB    1 
ATOM   130 C  CG    . ARG A 1 20 ? -4.806  -0.486  -5.101  1.00 23.58 ? 82 ARG A CG    1 
ATOM   131 C  CD    . ARG A 1 20 ? -5.255  -1.081  -3.787  1.00 24.15 ? 82 ARG A CD    1 
ATOM   132 N  NE    . ARG A 1 20 ? -6.335  -2.051  -3.953  1.00 23.98 ? 82 ARG A NE    1 
ATOM   133 C  CZ    . ARG A 1 20 ? -7.610  -1.735  -4.164  1.00 24.88 ? 82 ARG A CZ    1 
ATOM   134 N  NH1   . ARG A 1 20 ? -7.986  -0.464  -4.244  1.00 27.47 ? 82 ARG A NH1   1 
ATOM   135 N  NH2   . ARG A 1 20 ? -8.517  -2.693  -4.301  1.00 24.94 ? 82 ARG A NH2   1 
ATOM   136 N  N     . SER A 1 21 ? -2.482  3.493   -5.534  1.00 24.81 ? 83 SER A N     1 
ATOM   137 C  CA    . SER A 1 21 ? -1.515  4.498   -5.088  1.00 24.68 ? 83 SER A CA    1 
ATOM   138 C  C     . SER A 1 21 ? -1.543  4.671   -3.568  1.00 23.98 ? 83 SER A C     1 
ATOM   139 O  O     . SER A 1 21 ? -0.652  5.275   -2.993  1.00 24.07 ? 83 SER A O     1 
ATOM   140 C  CB    . SER A 1 21 ? -1.794  5.819   -5.784  1.00 25.07 ? 83 SER A CB    1 
ATOM   141 O  OG    . SER A 1 21 ? -3.186  6.064   -5.834  1.00 26.64 ? 83 SER A OG    1 
ATOM   142 N  N     . GLU A 1 22 ? -2.574  4.136   -2.923  1.00 23.70 ? 84 GLU A N     1 
ATOM   143 C  CA    . GLU A 1 22 ? -2.681  4.146   -1.472  1.00 23.84 ? 84 GLU A CA    1 
ATOM   144 C  C     . GLU A 1 22 ? -3.035  2.746   -1.008  1.00 23.62 ? 84 GLU A C     1 
ATOM   145 O  O     . GLU A 1 22 ? -3.688  1.992   -1.726  1.00 23.51 ? 84 GLU A O     1 
ATOM   146 C  CB    . GLU A 1 22 ? -3.751  5.117   -0.982  1.00 24.88 ? 84 GLU A CB    1 
ATOM   147 C  CG    . GLU A 1 22 ? -3.573  6.540   -1.467  1.00 27.21 ? 84 GLU A CG    1 
ATOM   148 C  CD    . GLU A 1 22 ? -4.151  6.788   -2.862  1.00 29.47 ? 84 GLU A CD    1 
ATOM   149 O  OE1   . GLU A 1 22 ? -5.229  6.234   -3.174  1.00 32.62 ? 84 GLU A OE1   1 
ATOM   150 O  OE2   . GLU A 1 22 ? -3.530  7.544   -3.642  1.00 31.70 ? 84 GLU A OE2   1 
ATOM   151 N  N     . CYS A 1 23 ? -2.627  2.392   0.202   1.00 22.65 ? 85 CYS A N     1 
ATOM   152 C  CA    . CYS A 1 23 ? -2.895  1.053   0.687   1.00 22.88 ? 85 CYS A CA    1 
ATOM   153 C  C     . CYS A 1 23 ? -4.387  0.788   0.743   1.00 22.55 ? 85 CYS A C     1 
ATOM   154 O  O     . CYS A 1 23 ? -5.128  1.591   1.268   1.00 22.86 ? 85 CYS A O     1 
ATOM   155 C  CB    . CYS A 1 23 ? -2.272  0.841   2.060   1.00 22.95 ? 85 CYS A CB    1 
ATOM   156 S  SG    . CYS A 1 23 ? -2.558  -0.771  2.756   1.00 23.81 ? 85 CYS A SG    1 
ATOM   157 N  N     . ASN A 1 24 ? -4.801  -0.386  0.261   1.00 22.58 ? 86 ASN A N     1 
ATOM   158 C  CA    . ASN A 1 24 ? -6.204  -0.759  0.264   1.00 22.52 ? 86 ASN A CA    1 
ATOM   159 C  C     . ASN A 1 24 ? -6.784  -0.767  1.671   1.00 22.34 ? 86 ASN A C     1 
ATOM   160 O  O     . ASN A 1 24 ? -7.928  -0.364  1.878   1.00 23.03 ? 86 ASN A O     1 
ATOM   161 C  CB    . ASN A 1 24 ? -6.380  -2.159  -0.362  1.00 23.00 ? 86 ASN A CB    1 
ATOM   162 C  CG    . ASN A 1 24 ? -7.831  -2.501  -0.659  1.00 22.29 ? 86 ASN A CG    1 
ATOM   163 O  OD1   . ASN A 1 24 ? -8.598  -1.651  -1.087  1.00 24.11 ? 86 ASN A OD1   1 
ATOM   164 N  ND2   . ASN A 1 24 ? -8.214  -3.755  -0.424  1.00 20.97 ? 86 ASN A ND2   1 
ATOM   165 N  N     . MET A 1 25 ? -5.964  -1.212  2.630   1.00 22.59 ? 87 MET A N     1 
ATOM   166 C  CA    A MET A 1 25 ? -6.439  -1.424  3.986   0.70 22.76 ? 87 MET A CA    1 
ATOM   167 C  CA    B MET A 1 25 ? -6.414  -1.463  3.995   0.30 22.38 ? 87 MET A CA    1 
ATOM   168 C  C     . MET A 1 25 ? -6.319  -0.227  4.893   1.00 22.66 ? 87 MET A C     1 
ATOM   169 O  O     . MET A 1 25 ? -7.249  0.085   5.611   1.00 24.18 ? 87 MET A O     1 
ATOM   170 C  CB    A MET A 1 25 ? -5.749  -2.625  4.617   0.70 23.27 ? 87 MET A CB    1 
ATOM   171 C  CB    B MET A 1 25 ? -5.616  -2.637  4.588   0.30 22.24 ? 87 MET A CB    1 
ATOM   172 C  CG    A MET A 1 25 ? -6.244  -3.909  4.062   0.70 23.97 ? 87 MET A CG    1 
ATOM   173 C  CG    B MET A 1 25 ? -6.037  -3.075  5.990   0.30 20.81 ? 87 MET A CG    1 
ATOM   174 S  SD    A MET A 1 25 ? -5.529  -5.341  4.857   0.70 27.62 ? 87 MET A SD    1 
ATOM   175 S  SD    B MET A 1 25 ? -5.412  -4.705  6.448   0.30 18.95 ? 87 MET A SD    1 
ATOM   176 C  CE    A MET A 1 25 ? -6.430  -5.383  6.384   0.70 26.53 ? 87 MET A CE    1 
ATOM   177 C  CE    B MET A 1 25 ? -6.447  -5.779  5.458   0.30 17.82 ? 87 MET A CE    1 
ATOM   178 N  N     . CYS A 1 26 ? -5.179  0.456   4.865   1.00 23.41 ? 88 CYS A N     1 
ATOM   179 C  CA    . CYS A 1 26 ? -4.960  1.563   5.795   1.00 23.50 ? 88 CYS A CA    1 
ATOM   180 C  C     . CYS A 1 26 ? -4.851  2.945   5.151   1.00 23.19 ? 88 CYS A C     1 
ATOM   181 O  O     . CYS A 1 26 ? -4.619  3.946   5.847   1.00 23.20 ? 88 CYS A O     1 
ATOM   182 C  CB    . CYS A 1 26 ? -3.733  1.276   6.650   1.00 23.84 ? 88 CYS A CB    1 
ATOM   183 S  SG    . CYS A 1 26 ? -2.134  1.586   5.825   1.00 23.72 ? 88 CYS A SG    1 
ATOM   184 N  N     . ASN A 1 27 ? -4.979  2.985   3.830   1.00 22.80 ? 89 ASN A N     1 
ATOM   185 C  CA    . ASN A 1 27 ? -4.967  4.248   3.078   1.00 24.05 ? 89 ASN A CA    1 
ATOM   186 C  C     . ASN A 1 27 ? -3.633  5.000   3.111   1.00 24.01 ? 89 ASN A C     1 
ATOM   187 O  O     . ASN A 1 27 ? -3.547  6.136   2.660   1.00 24.84 ? 89 ASN A O     1 
ATOM   188 C  CB    . ASN A 1 27 ? -6.109  5.166   3.529   1.00 24.85 ? 89 ASN A CB    1 
ATOM   189 C  CG    . ASN A 1 27 ? -6.697  5.970   2.387   1.00 28.49 ? 89 ASN A CG    1 
ATOM   190 O  OD1   . ASN A 1 27 ? -6.856  5.471   1.270   1.00 32.21 ? 89 ASN A OD1   1 
ATOM   191 N  ND2   . ASN A 1 27 ? -7.026  7.217   2.661   1.00 32.54 ? 89 ASN A ND2   1 
ATOM   192 N  N     . THR A 1 28 ? -2.562  4.372   3.592   1.00 22.85 ? 90 THR A N     1 
ATOM   193 C  CA    . THR A 1 28 ? -1.259  5.044   3.584   1.00 23.78 ? 90 THR A CA    1 
ATOM   194 C  C     . THR A 1 28 ? -0.736  5.110   2.140   1.00 23.99 ? 90 THR A C     1 
ATOM   195 O  O     . THR A 1 28 ? -0.729  4.088   1.431   1.00 24.70 ? 90 THR A O     1 
ATOM   196 C  CB    . THR A 1 28 ? -0.259  4.324   4.497   1.00 22.44 ? 90 THR A CB    1 
ATOM   197 O  OG1   . THR A 1 28 ? -0.726  4.389   5.852   1.00 24.27 ? 90 THR A OG1   1 
ATOM   198 C  CG2   . THR A 1 28 ? 1.105   4.995   4.416   1.00 24.62 ? 90 THR A CG2   1 
ATOM   199 N  N     . PRO A 1 29 ? -0.310  6.307   1.679   1.00 25.14 ? 91 PRO A N     1 
ATOM   200 C  CA    . PRO A 1 29 ? 0.206   6.383   0.330   1.00 25.05 ? 91 PRO A CA    1 
ATOM   201 C  C     . PRO A 1 29 ? 1.416   5.493   0.094   1.00 24.60 ? 91 PRO A C     1 
ATOM   202 O  O     . PRO A 1 29 ? 2.209   5.246   1.007   1.00 25.19 ? 91 PRO A O     1 
ATOM   203 C  CB    . PRO A 1 29 ? 0.590   7.862   0.192   1.00 25.26 ? 91 PRO A CB    1 
ATOM   204 C  CG    . PRO A 1 29 ? -0.290  8.567   1.127   1.00 26.09 ? 91 PRO A CG    1 
ATOM   205 C  CD    . PRO A 1 29 ? -0.416  7.636   2.301   1.00 25.14 ? 91 PRO A CD    1 
ATOM   206 N  N     . LYS A 1 30 ? 1.578   5.046   -1.137  1.00 24.77 ? 92 LYS A N     1 
ATOM   207 C  CA    . LYS A 1 30 ? 2.715   4.211   -1.500  1.00 23.73 ? 92 LYS A CA    1 
ATOM   208 C  C     . LYS A 1 30 ? 4.062   4.890   -1.218  1.00 23.74 ? 92 LYS A C     1 
ATOM   209 O  O     . LYS A 1 30 ? 5.029   4.227   -0.840  1.00 23.68 ? 92 LYS A O     1 
ATOM   210 C  CB    . LYS A 1 30 ? 2.618   3.811   -2.968  1.00 23.72 ? 92 LYS A CB    1 
ATOM   211 C  CG    . LYS A 1 30 ? 3.696   2.861   -3.430  1.00 24.08 ? 92 LYS A CG    1 
ATOM   212 C  CD    . LYS A 1 30 ? 3.432   2.449   -4.863  1.00 25.59 ? 92 LYS A CD    1 
ATOM   213 C  CE    . LYS A 1 30 ? 4.566   1.642   -5.447  1.00 26.33 ? 92 LYS A CE    1 
ATOM   214 N  NZ    . LYS A 1 30 ? 4.332   1.421   -6.895  1.00 28.15 ? 92 LYS A NZ    1 
ATOM   215 N  N     . TYR A 1 31 ? 4.109   6.215   -1.377  1.00 23.40 ? 93 TYR A N     1 
ATOM   216 C  CA    . TYR A 1 31 ? 5.330   7.003   -1.146  1.00 23.86 ? 93 TYR A CA    1 
ATOM   217 C  C     . TYR A 1 31 ? 5.610   7.291   0.334   1.00 24.60 ? 93 TYR A C     1 
ATOM   218 O  O     . TYR A 1 31 ? 6.616   7.925   0.652   1.00 24.85 ? 93 TYR A O     1 
ATOM   219 C  CB    . TYR A 1 31 ? 5.245   8.335   -1.913  1.00 23.26 ? 93 TYR A CB    1 
ATOM   220 C  CG    . TYR A 1 31 ? 3.997   9.152   -1.657  1.00 24.01 ? 93 TYR A CG    1 
ATOM   221 C  CD1   . TYR A 1 31 ? 3.818   9.833   -0.454  1.00 23.40 ? 93 TYR A CD1   1 
ATOM   222 C  CD2   . TYR A 1 31 ? 3.009   9.258   -2.621  1.00 22.48 ? 93 TYR A CD2   1 
ATOM   223 C  CE1   . TYR A 1 31 ? 2.681   10.585  -0.211  1.00 23.85 ? 93 TYR A CE1   1 
ATOM   224 C  CE2   . TYR A 1 31 ? 1.855   9.971   -2.376  1.00 22.93 ? 93 TYR A CE2   1 
ATOM   225 C  CZ    . TYR A 1 31 ? 1.716   10.659  -1.189  1.00 22.74 ? 93 TYR A CZ    1 
ATOM   226 O  OH    . TYR A 1 31 ? 0.576   11.375  -0.927  1.00 24.65 ? 93 TYR A OH    1 
ATOM   227 N  N     . ALA A 1 32 ? 4.721   6.851   1.227   1.00 25.67 ? 94 ALA A N     1 
ATOM   228 C  CA    . ALA A 1 32 ? 4.825   7.149   2.645   1.00 26.91 ? 94 ALA A CA    1 
ATOM   229 C  C     . ALA A 1 32 ? 5.788   6.201   3.310   1.00 28.48 ? 94 ALA A C     1 
ATOM   230 O  O     . ALA A 1 32 ? 5.397   5.110   3.734   1.00 29.75 ? 94 ALA A O     1 
ATOM   231 C  CB    . ALA A 1 32 ? 3.456   7.034   3.323   1.00 27.58 ? 94 ALA A CB    1 
ATOM   232 N  N     . LYS A 1 33 ? 7.028   6.634   3.424   1.00 29.94 ? 95 LYS A N     1 
ATOM   233 C  CA    . LYS A 1 33 ? 8.090   5.802   3.955   1.00 31.37 ? 95 LYS A CA    1 
ATOM   234 C  C     . LYS A 1 33 ? 9.149   6.685   4.574   1.00 31.81 ? 95 LYS A C     1 
ATOM   235 O  O     . LYS A 1 33 ? 9.317   7.858   4.201   1.00 31.91 ? 95 LYS A O     1 
ATOM   236 C  CB    . LYS A 1 33 ? 8.718   4.965   2.833   1.00 31.69 ? 95 LYS A CB    1 
ATOM   237 C  CG    . LYS A 1 33 ? 7.742   4.011   2.117   1.00 33.66 ? 95 LYS A CG    1 
ATOM   238 C  CD    . LYS A 1 33 ? 8.449   3.153   1.090   1.00 34.66 ? 95 LYS A CD    1 
ATOM   239 O  OXT   . LYS A 1 33 ? 9.870   6.217   5.453   1.00 32.81 ? 95 LYS A OXT   1 
ATOM   240 O  "O5'" . A   B 2 1  ? -12.045 -2.486  -12.811 0.50 30.07 ? 1  A   C "O5'" 1 
ATOM   241 C  "C5'" . A   B 2 1  ? -11.059 -3.146  -13.598 0.50 29.92 ? 1  A   C "C5'" 1 
ATOM   242 C  "C4'" . A   B 2 1  ? -11.434 -4.595  -13.857 0.50 29.91 ? 1  A   C "C4'" 1 
ATOM   243 O  "O4'" . A   B 2 1  ? -10.437 -5.184  -14.725 0.50 29.44 ? 1  A   C "O4'" 1 
ATOM   244 C  "C3'" . A   B 2 1  ? -11.475 -5.488  -12.624 0.50 30.25 ? 1  A   C "C3'" 1 
ATOM   245 O  "O3'" . A   B 2 1  ? -12.798 -5.585  -12.103 0.50 31.75 ? 1  A   C "O3'" 1 
ATOM   246 C  "C2'" . A   B 2 1  ? -10.991 -6.840  -13.136 0.50 29.48 ? 1  A   C "C2'" 1 
ATOM   247 O  "O2'" . A   B 2 1  ? -12.036 -7.639  -13.657 0.50 28.82 ? 1  A   C "O2'" 1 
ATOM   248 C  "C1'" . A   B 2 1  ? -10.019 -6.445  -14.238 0.50 28.95 ? 1  A   C "C1'" 1 
ATOM   249 N  N9    . A   B 2 1  ? -8.610  -6.333  -13.870 0.50 27.93 ? 1  A   C N9    1 
ATOM   250 C  C8    . A   B 2 1  ? -7.846  -5.202  -13.939 0.50 27.71 ? 1  A   C C8    1 
ATOM   251 N  N7    . A   B 2 1  ? -6.598  -5.379  -13.573 0.50 27.52 ? 1  A   C N7    1 
ATOM   252 C  C5    . A   B 2 1  ? -6.537  -6.724  -13.251 0.50 27.19 ? 1  A   C C5    1 
ATOM   253 C  C6    . A   B 2 1  ? -5.482  -7.536  -12.792 0.50 26.82 ? 1  A   C C6    1 
ATOM   254 N  N6    . A   B 2 1  ? -4.248  -7.071  -12.573 0.50 26.66 ? 1  A   C N6    1 
ATOM   255 N  N1    . A   B 2 1  ? -5.750  -8.840  -12.563 0.50 26.89 ? 1  A   C N1    1 
ATOM   256 C  C2    . A   B 2 1  ? -6.992  -9.289  -12.785 0.50 27.05 ? 1  A   C C2    1 
ATOM   257 N  N3    . A   B 2 1  ? -8.064  -8.621  -13.216 0.50 26.99 ? 1  A   C N3    1 
ATOM   258 C  C4    . A   B 2 1  ? -7.767  -7.330  -13.432 0.50 27.16 ? 1  A   C C4    1 
ATOM   259 P  P     . G   B 2 2  ? -13.033 -5.602  -10.521 1.00 33.78 ? 2  G   C P     1 
ATOM   260 O  OP1   . G   B 2 2  ? -14.484 -5.793  -10.275 1.00 33.35 ? 2  G   C OP1   1 
ATOM   261 O  OP2   . G   B 2 2  ? -12.305 -4.438  -9.949  1.00 34.04 ? 2  G   C OP2   1 
ATOM   262 O  "O5'" . G   B 2 2  ? -12.240 -6.901  -10.031 1.00 31.46 ? 2  G   C "O5'" 1 
ATOM   263 C  "C5'" . G   B 2 2  ? -12.719 -8.206  -10.296 1.00 29.93 ? 2  G   C "C5'" 1 
ATOM   264 C  "C4'" . G   B 2 2  ? -11.684 -9.217  -9.848  1.00 28.63 ? 2  G   C "C4'" 1 
ATOM   265 O  "O4'" . G   B 2 2  ? -10.508 -9.080  -10.669 1.00 27.75 ? 2  G   C "O4'" 1 
ATOM   266 C  "C3'" . G   B 2 2  ? -11.162 -9.029  -8.431  1.00 28.67 ? 2  G   C "C3'" 1 
ATOM   267 O  "O3'" . G   B 2 2  ? -12.044 -9.652  -7.513  1.00 28.52 ? 2  G   C "O3'" 1 
ATOM   268 C  "C2'" . G   B 2 2  ? -9.798  -9.696  -8.501  1.00 27.51 ? 2  G   C "C2'" 1 
ATOM   269 O  "O2'" . G   B 2 2  ? -9.863  -11.109 -8.437  1.00 28.37 ? 2  G   C "O2'" 1 
ATOM   270 C  "C1'" . G   B 2 2  ? -9.346  -9.245  -9.884  1.00 26.76 ? 2  G   C "C1'" 1 
ATOM   271 N  N9    . G   B 2 2  ? -8.602  -7.990  -9.926  1.00 26.14 ? 2  G   C N9    1 
ATOM   272 C  C8    . G   B 2 2  ? -9.066  -6.728  -10.220 1.00 25.99 ? 2  G   C C8    1 
ATOM   273 N  N7    . G   B 2 2  ? -8.149  -5.803  -10.188 1.00 25.52 ? 2  G   C N7    1 
ATOM   274 C  C5    . G   B 2 2  ? -7.002  -6.499  -9.853  1.00 24.12 ? 2  G   C C5    1 
ATOM   275 C  C6    . G   B 2 2  ? -5.689  -6.025  -9.678  1.00 24.63 ? 2  G   C C6    1 
ATOM   276 O  O6    . G   B 2 2  ? -5.287  -4.861  -9.796  1.00 25.94 ? 2  G   C O6    1 
ATOM   277 N  N1    . G   B 2 2  ? -4.816  -7.053  -9.344  1.00 24.41 ? 2  G   C N1    1 
ATOM   278 C  C2    . G   B 2 2  ? -5.168  -8.377  -9.197  1.00 24.12 ? 2  G   C C2    1 
ATOM   279 N  N2    . G   B 2 2  ? -4.188  -9.219  -8.865  1.00 26.37 ? 2  G   C N2    1 
ATOM   280 N  N3    . G   B 2 2  ? -6.403  -8.837  -9.364  1.00 24.95 ? 2  G   C N3    1 
ATOM   281 C  C4    . G   B 2 2  ? -7.260  -7.843  -9.690  1.00 24.27 ? 2  G   C C4    1 
ATOM   282 P  P     . G   B 2 3  ? -12.352 -8.918  -6.134  1.00 29.49 ? 3  G   C P     1 
ATOM   283 O  OP1   . G   B 2 3  ? -13.445 -9.672  -5.469  1.00 30.80 ? 3  G   C OP1   1 
ATOM   284 O  OP2   . G   B 2 3  ? -12.465 -7.456  -6.376  1.00 30.34 ? 3  G   C OP2   1 
ATOM   285 O  "O5'" . G   B 2 3  ? -10.971 -9.149  -5.369  1.00 27.33 ? 3  G   C "O5'" 1 
ATOM   286 C  "C5'" . G   B 2 3  ? -10.569 -10.465 -5.010  1.00 25.08 ? 3  G   C "C5'" 1 
ATOM   287 C  "C4'" . G   B 2 3  ? -9.960  -10.416 -3.630  1.00 23.44 ? 3  G   C "C4'" 1 
ATOM   288 O  "O4'" . G   B 2 3  ? -8.878  -9.451  -3.652  1.00 23.53 ? 3  G   C "O4'" 1 
ATOM   289 C  "C3'" . G   B 2 3  ? -10.909 -9.938  -2.535  1.00 22.20 ? 3  G   C "C3'" 1 
ATOM   290 O  "O3'" . G   B 2 3  ? -10.619 -10.603 -1.336  1.00 24.03 ? 3  G   C "O3'" 1 
ATOM   291 C  "C2'" . G   B 2 3  ? -10.553 -8.460  -2.392  1.00 21.23 ? 3  G   C "C2'" 1 
ATOM   292 O  "O2'" . G   B 2 3  ? -10.909 -7.893  -1.141  1.00 22.41 ? 3  G   C "O2'" 1 
ATOM   293 C  "C1'" . G   B 2 3  ? -9.044  -8.580  -2.559  1.00 23.81 ? 3  G   C "C1'" 1 
ATOM   294 N  N9    . G   B 2 3  ? -8.320  -7.340  -2.837  1.00 23.88 ? 3  G   C N9    1 
ATOM   295 C  C8    . G   B 2 3  ? -8.770  -6.157  -3.382  1.00 23.77 ? 3  G   C C8    1 
ATOM   296 N  N7    . G   B 2 3  ? -7.833  -5.247  -3.482  1.00 23.52 ? 3  G   C N7    1 
ATOM   297 C  C5    . G   B 2 3  ? -6.698  -5.867  -2.979  1.00 22.90 ? 3  G   C C5    1 
ATOM   298 C  C6    . G   B 2 3  ? -5.375  -5.398  -2.825  1.00 23.70 ? 3  G   C C6    1 
ATOM   299 O  O6    . G   B 2 3  ? -4.901  -4.301  -3.132  1.00 22.68 ? 3  G   C O6    1 
ATOM   300 N  N1    . G   B 2 3  ? -4.545  -6.354  -2.260  1.00 23.02 ? 3  G   C N1    1 
ATOM   301 C  C2    . G   B 2 3  ? -4.929  -7.623  -1.888  1.00 24.24 ? 3  G   C C2    1 
ATOM   302 N  N2    . G   B 2 3  ? -3.993  -8.408  -1.345  1.00 24.43 ? 3  G   C N2    1 
ATOM   303 N  N3    . G   B 2 3  ? -6.161  -8.086  -2.030  1.00 24.47 ? 3  G   C N3    1 
ATOM   304 C  C4    . G   B 2 3  ? -6.985  -7.158  -2.582  1.00 23.99 ? 3  G   C C4    1 
ATOM   305 P  P     . U   B 2 4  ? -11.529 -11.775 -0.748  1.00 28.63 ? 4  U   C P     1 
ATOM   306 O  OP1   . U   B 2 4  ? -11.547 -12.871 -1.752  1.00 30.65 ? 4  U   C OP1   1 
ATOM   307 O  OP2   . U   B 2 4  ? -12.832 -11.324 -0.225  1.00 27.54 ? 4  U   C OP2   1 
ATOM   308 O  "O5'" . U   B 2 4  ? -10.545 -12.130 0.472   1.00 29.07 ? 4  U   C "O5'" 1 
ATOM   309 C  "C5'" . U   B 2 4  ? -9.511  -13.101 0.287   1.00 28.35 ? 4  U   C "C5'" 1 
ATOM   310 C  "C4'" . U   B 2 4  ? -8.420  -12.923 1.323   1.00 28.07 ? 4  U   C "C4'" 1 
ATOM   311 O  "O4'" . U   B 2 4  ? -7.739  -11.682 1.003   1.00 27.77 ? 4  U   C "O4'" 1 
ATOM   312 C  "C3'" . U   B 2 4  ? -8.917  -12.796 2.763   1.00 29.70 ? 4  U   C "C3'" 1 
ATOM   313 O  "O3'" . U   B 2 4  ? -8.266  -13.675 3.694   1.00 32.66 ? 4  U   C "O3'" 1 
ATOM   314 C  "C2'" . U   B 2 4  ? -8.576  -11.361 3.147   1.00 27.96 ? 4  U   C "C2'" 1 
ATOM   315 O  "O2'" . U   B 2 4  ? -8.179  -11.316 4.505   1.00 28.66 ? 4  U   C "O2'" 1 
ATOM   316 C  "C1'" . U   B 2 4  ? -7.417  -11.045 2.201   1.00 27.29 ? 4  U   C "C1'" 1 
ATOM   317 N  N1    . U   B 2 4  ? -7.166  -9.598  1.801   1.00 25.26 ? 4  U   C N1    1 
ATOM   318 C  C2    . U   B 2 4  ? -5.945  -9.018  2.113   1.00 25.81 ? 4  U   C C2    1 
ATOM   319 O  O2    . U   B 2 4  ? -5.077  -9.615  2.727   1.00 26.93 ? 4  U   C O2    1 
ATOM   320 N  N3    . U   B 2 4  ? -5.794  -7.717  1.710   1.00 24.55 ? 4  U   C N3    1 
ATOM   321 C  C4    . U   B 2 4  ? -6.713  -6.946  1.013   1.00 24.49 ? 4  U   C C4    1 
ATOM   322 O  O4    . U   B 2 4  ? -6.444  -5.793  0.701   1.00 25.47 ? 4  U   C O4    1 
ATOM   323 C  C5    . U   B 2 4  ? -7.956  -7.608  0.701   1.00 25.52 ? 4  U   C C5    1 
ATOM   324 C  C6    . U   B 2 4  ? -8.123  -8.888  1.092   1.00 26.40 ? 4  U   C C6    1 
ATOM   325 P  P     A A   B 2 5  ? -8.409  -15.258 3.865   0.50 37.56 ? 5  A   C P     1 
ATOM   326 P  P     B A   B 2 5  ? -9.057  -15.019 4.101   0.50 33.55 ? 5  A   C P     1 
ATOM   327 O  OP1   A A   B 2 5  ? -8.448  -15.891 2.531   0.50 37.51 ? 5  A   C OP1   1 
ATOM   328 O  OP1   B A   B 2 5  ? -8.063  -15.853 4.810   0.50 32.52 ? 5  A   C OP1   1 
ATOM   329 O  OP2   A A   B 2 5  ? -9.509  -15.470 4.839   0.50 37.59 ? 5  A   C OP2   1 
ATOM   330 O  OP2   B A   B 2 5  ? -9.774  -15.554 2.921   0.50 33.25 ? 5  A   C OP2   1 
ATOM   331 O  "O5'" A A   B 2 5  ? -7.028  -15.643 4.581   0.50 37.23 ? 5  A   C "O5'" 1 
ATOM   332 O  "O5'" B A   B 2 5  ? -10.123 -14.488 5.164   0.50 31.95 ? 5  A   C "O5'" 1 
ATOM   333 C  "C5'" A A   B 2 5  ? -5.754  -15.171 4.120   0.50 37.65 ? 5  A   C "C5'" 1 
ATOM   334 C  "C5'" B A   B 2 5  ? -9.713  -14.363 6.515   0.50 30.22 ? 5  A   C "C5'" 1 
ATOM   335 C  "C4'" A A   B 2 5  ? -5.098  -16.219 3.241   0.50 37.70 ? 5  A   C "C4'" 1 
ATOM   336 C  "C4'" B A   B 2 5  ? -10.773 -14.958 7.409   0.50 29.18 ? 5  A   C "C4'" 1 
ATOM   337 O  "O4'" A A   B 2 5  ? -6.011  -16.423 2.139   0.50 37.14 ? 5  A   C "O4'" 1 
ATOM   338 O  "O4'" B A   B 2 5  ? -12.068 -14.629 6.856   0.50 28.32 ? 5  A   C "O4'" 1 
ATOM   339 C  "C3'" A A   B 2 5  ? -3.760  -15.882 2.577   0.50 38.20 ? 5  A   C "C3'" 1 
ATOM   340 C  "C3'" B A   B 2 5  ? -10.757 -16.478 7.521   0.50 28.53 ? 5  A   C "C3'" 1 
ATOM   341 O  "O3'" A A   B 2 5  ? -2.620  -16.254 3.343   0.50 40.23 ? 5  A   C "O3'" 1 
ATOM   342 O  "O3'" B A   B 2 5  ? -11.221 -16.852 8.797   0.50 28.62 ? 5  A   C "O3'" 1 
ATOM   343 C  "C2'" A A   B 2 5  ? -3.834  -16.731 1.323   0.50 37.13 ? 5  A   C "C2'" 1 
ATOM   344 C  "C2'" B A   B 2 5  ? -11.699 -16.953 6.425   0.50 28.81 ? 5  A   C "C2'" 1 
ATOM   345 O  "O2'" A A   B 2 5  ? -3.640  -18.105 1.577   0.50 38.38 ? 5  A   C "O2'" 1 
ATOM   346 O  "O2'" B A   B 2 5  ? -12.360 -18.162 6.770   0.50 27.67 ? 5  A   C "O2'" 1 
ATOM   347 C  "C1'" A A   B 2 5  ? -5.272  -16.469 0.935   0.50 36.09 ? 5  A   C "C1'" 1 
ATOM   348 C  "C1'" B A   B 2 5  ? -12.673 -15.786 6.308   0.50 29.32 ? 5  A   C "C1'" 1 
ATOM   349 N  N9    A A   B 2 5  ? -5.494  -15.237 0.191   0.50 33.20 ? 5  A   C N9    1 
ATOM   350 N  N9    B A   B 2 5  ? -13.046 -15.462 4.940   0.50 29.98 ? 5  A   C N9    1 
ATOM   351 C  C8    A A   B 2 5  ? -6.324  -15.214 -0.884  0.50 32.74 ? 5  A   C C8    1 
ATOM   352 C  C8    B A   B 2 5  ? -12.250 -15.464 3.827   0.50 30.15 ? 5  A   C C8    1 
ATOM   353 N  N7    A A   B 2 5  ? -6.429  -14.048 -1.449  0.50 31.77 ? 5  A   C N7    1 
ATOM   354 N  N7    B A   B 2 5  ? -12.881 -15.121 2.728   0.50 30.10 ? 5  A   C N7    1 
ATOM   355 C  C5    A A   B 2 5  ? -5.604  -13.244 -0.695  0.50 29.23 ? 5  A   C C5    1 
ATOM   356 C  C5    B A   B 2 5  ? -14.176 -14.870 3.160   0.50 31.06 ? 5  A   C C5    1 
ATOM   357 C  C6    A A   B 2 5  ? -5.333  -11.883 -0.845  0.50 27.85 ? 5  A   C C6    1 
ATOM   358 C  C6    B A   B 2 5  ? -15.346 -14.466 2.486   0.50 31.73 ? 5  A   C C6    1 
ATOM   359 N  N6    A A   B 2 5  ? -5.894  -11.182 -1.825  0.50 26.65 ? 5  A   C N6    1 
ATOM   360 N  N6    B A   B 2 5  ? -15.397 -14.226 1.173   0.50 32.73 ? 5  A   C N6    1 
ATOM   361 N  N1    A A   B 2 5  ? -4.497  -11.318 0.033   0.50 26.44 ? 5  A   C N1    1 
ATOM   362 N  N1    B A   B 2 5  ? -16.465 -14.313 3.226   0.50 32.24 ? 5  A   C N1    1 
ATOM   363 C  C2    A A   B 2 5  ? -3.968  -12.093 0.993   0.50 27.52 ? 5  A   C C2    1 
ATOM   364 C  C2    B A   B 2 5  ? -16.418 -14.552 4.542   0.50 31.99 ? 5  A   C C2    1 
ATOM   365 N  N3    A A   B 2 5  ? -4.159  -13.396 1.232   0.50 27.90 ? 5  A   C N3    1 
ATOM   366 N  N3    B A   B 2 5  ? -15.385 -14.939 5.286   0.50 31.96 ? 5  A   C N3    1 
ATOM   367 C  C4    A A   B 2 5  ? -5.009  -13.934 0.336   0.50 30.52 ? 5  A   C C4    1 
ATOM   368 C  C4    B A   B 2 5  ? -14.290 -15.077 4.522   0.50 30.81 ? 5  A   C C4    1 
ATOM   369 P  P     A A   B 2 6  ? -1.172  -16.352 2.653   0.50 41.61 ? 6  A   C P     1 
ATOM   370 P  P     B A   B 2 6  ? -10.137 -17.012 9.955   0.50 28.90 ? 6  A   C P     1 
ATOM   371 O  OP1   A A   B 2 6  ? -0.940  -17.745 2.208   0.50 41.62 ? 6  A   C OP1   1 
ATOM   372 O  OP1   B A   B 2 6  ? -9.311  -18.197 9.601   0.50 30.79 ? 6  A   C OP1   1 
ATOM   373 O  OP2   A A   B 2 6  ? -0.209  -15.721 3.588   0.50 42.35 ? 6  A   C OP2   1 
ATOM   374 O  OP2   B A   B 2 6  ? -10.880 -16.994 11.226  0.50 29.42 ? 6  A   C OP2   1 
ATOM   375 O  "O5'" A A   B 2 6  ? -1.272  -15.456 1.327   0.50 39.35 ? 6  A   C "O5'" 1 
ATOM   376 O  "O5'" B A   B 2 6  ? -9.267  -15.671 9.872   0.50 31.54 ? 6  A   C "O5'" 1 
ATOM   377 C  "C5'" A A   B 2 6  ? -0.215  -15.495 0.349   0.50 36.32 ? 6  A   C "C5'" 1 
ATOM   378 C  "C4'" A A   B 2 6  ? 0.653   -14.245 0.430   0.50 34.80 ? 6  A   C "C4'" 1 
ATOM   379 O  "O4'" A A   B 2 6  ? 0.719   -13.604 -0.871  0.50 32.77 ? 6  A   C "O4'" 1 
ATOM   380 C  "C3'" A A   B 2 6  ? 0.103   -13.195 1.385   0.50 33.24 ? 6  A   C "C3'" 1 
ATOM   381 O  "O3'" A A   B 2 6  ? 1.111   -12.372 1.981   0.50 33.08 ? 6  A   C "O3'" 1 
ATOM   382 C  "C2'" A A   B 2 6  ? -0.814  -12.388 0.476   0.50 32.84 ? 6  A   C "C2'" 1 
ATOM   383 O  "O2'" A A   B 2 6  ? -0.935  -11.050 0.909   0.50 33.64 ? 6  A   C "O2'" 1 
ATOM   384 C  "C1'" A A   B 2 6  ? -0.126  -12.466 -0.884  0.50 31.70 ? 6  A   C "C1'" 1 
ATOM   385 N  N9    A A   B 2 6  ? -1.075  -12.607 -1.979  0.50 29.52 ? 6  A   C N9    1 
ATOM   386 C  C8    A A   B 2 6  ? -1.625  -13.778 -2.409  0.50 28.10 ? 6  A   C C8    1 
ATOM   387 N  N7    A A   B 2 6  ? -2.459  -13.640 -3.406  0.50 26.87 ? 6  A   C N7    1 
ATOM   388 C  C5    A A   B 2 6  ? -2.449  -12.278 -3.645  0.50 26.45 ? 6  A   C C5    1 
ATOM   389 C  C6    A A   B 2 6  ? -3.132  -11.500 -4.581  0.50 24.92 ? 6  A   C C6    1 
ATOM   390 N  N6    A A   B 2 6  ? -3.959  -12.046 -5.466  0.50 19.54 ? 6  A   C N6    1 
ATOM   391 N  N1    A A   B 2 6  ? -2.915  -10.165 -4.584  0.50 25.24 ? 6  A   C N1    1 
ATOM   392 C  C2    A A   B 2 6  ? -2.068  -9.654  -3.680  0.50 26.01 ? 6  A   C C2    1 
ATOM   393 N  N3    A A   B 2 6  ? -1.361  -10.292 -2.742  0.50 25.86 ? 6  A   C N3    1 
ATOM   394 C  C4    A A   B 2 6  ? -1.604  -11.618 -2.775  0.50 27.26 ? 6  A   C C4    1 
HETATM 395 ZN ZN    . ZN  C 3 .  ? -1.445  -0.384  4.806   1.00 17.32 ? 1  ZN  A ZN    1 
HETATM 396 O  O     . HOH D 4 .  ? -2.040  -8.770  1.640   1.00 26.77 ? 2  HOH A O     1 
HETATM 397 O  O     . HOH D 4 .  ? -6.338  2.100   -2.643  1.00 31.41 ? 3  HOH A O     1 
HETATM 398 O  O     . HOH D 4 .  ? 0.984   2.804   -7.395  1.00 38.04 ? 4  HOH A O     1 
HETATM 399 O  O     . HOH D 4 .  ? -2.078  -6.417  -9.403  1.00 28.98 ? 6  HOH A O     1 
HETATM 400 O  O     . HOH D 4 .  ? 4.194   2.593   2.594   1.00 29.89 ? 7  HOH A O     1 
HETATM 401 O  O     . HOH D 4 .  ? -7.422  2.906   0.348   1.00 37.83 ? 9  HOH A O     1 
HETATM 402 O  O     . HOH D 4 .  ? -3.207  -7.956  4.815   1.00 35.40 ? 10 HOH A O     1 
HETATM 403 O  O     . HOH D 4 .  ? -0.584  -5.421  10.282  0.50 34.53 ? 11 HOH A O     1 
HETATM 404 O  O     . HOH D 4 .  ? -2.086  10.561  -1.701  1.00 42.00 ? 12 HOH A O     1 
HETATM 405 O  O     . HOH D 4 .  ? 0.725   7.426   -3.980  1.00 34.14 ? 13 HOH A O     1 
HETATM 406 O  O     . HOH D 4 .  ? -9.070  1.063   -1.445  1.00 40.13 ? 14 HOH A O     1 
HETATM 407 O  O     . HOH D 4 .  ? 6.847   -3.833  -5.645  1.00 37.90 ? 15 HOH A O     1 
HETATM 408 O  O     . HOH D 4 .  ? 4.258   4.066   6.007   1.00 37.27 ? 17 HOH A O     1 
HETATM 409 O  O     . HOH D 4 .  ? -5.588  3.846   -4.992  1.00 35.55 ? 18 HOH A O     1 
HETATM 410 O  O     . HOH D 4 .  ? -12.775 -3.164  -2.647  1.00 39.04 ? 19 HOH A O     1 
HETATM 411 O  O     . HOH D 4 .  ? -4.092  9.967   -0.294  1.00 36.81 ? 21 HOH A O     1 
HETATM 412 O  O     . HOH D 4 .  ? -8.585  2.476   5.242   1.00 41.44 ? 22 HOH A O     1 
HETATM 413 O  O     . HOH D 4 .  ? 5.729   -4.455  5.413   1.00 37.64 ? 23 HOH A O     1 
HETATM 414 O  O     . HOH D 4 .  ? -1.404  8.788   -3.182  1.00 39.31 ? 25 HOH A O     1 
HETATM 415 O  O     . HOH D 4 .  ? -4.747  8.313   1.375   1.00 37.86 ? 26 HOH A O     1 
HETATM 416 O  O     . HOH D 4 .  ? -9.469  1.634   1.131   1.00 37.97 ? 27 HOH A O     1 
HETATM 417 O  O     . HOH D 4 .  ? -11.227 -1.711  -1.422  1.00 34.52 ? 28 HOH A O     1 
HETATM 418 O  O     . HOH D 4 .  ? 4.084   -9.265  -5.759  1.00 35.11 ? 29 HOH A O     1 
HETATM 419 O  O     . HOH D 4 .  ? -11.211 -0.994  -4.641  1.00 44.99 ? 30 HOH A O     1 
HETATM 420 O  O     . HOH D 4 .  ? 1.664   2.428   2.086   1.00 32.47 ? 96 HOH A O     1 
HETATM 421 O  O     . HOH E 4 .  ? -2.688  -3.846  -10.214 1.00 28.54 ? 7  HOH C O     1 
HETATM 422 O  O     . HOH E 4 .  ? -7.698  -8.606  4.897   1.00 36.87 ? 8  HOH C O     1 
HETATM 423 O  O     . HOH E 4 .  ? -11.833 -5.297  -4.444  1.00 35.22 ? 16 HOH C O     1 
HETATM 424 O  O     . HOH E 4 .  ? -10.943 -5.015  -0.684  1.00 20.25 ? 20 HOH C O     1 
HETATM 425 O  O     . HOH E 4 .  ? -11.704 -9.341  0.822   1.00 29.30 ? 24 HOH C O     1 
HETATM 426 O  O     . HOH E 4 .  ? 0.843   -15.581 4.589   0.50 29.55 ? 31 HOH C O     1 
# 
